data_8RK0
#
_entry.id   8RK0
#
_cell.length_a   1.00
_cell.length_b   1.00
_cell.length_c   1.00
_cell.angle_alpha   90.00
_cell.angle_beta   90.00
_cell.angle_gamma   90.00
#
_symmetry.space_group_name_H-M   'P 1'
#
loop_
_entity.id
_entity.type
_entity.pdbx_description
1 polymer 'HCV E1'
2 polymer 'HCV E2'
3 branched 2-acetamido-2-deoxy-beta-D-glucopyranose-(1-4)-2-acetamido-2-deoxy-beta-D-glucopyranose
4 branched beta-D-mannopyranose-(1-4)-2-acetamido-2-deoxy-beta-D-glucopyranose-(1-4)-2-acetamido-2-deoxy-beta-D-glucopyranose
5 non-polymer 2-acetamido-2-deoxy-beta-D-glucopyranose
#
loop_
_entity_poly.entity_id
_entity_poly.type
_entity_poly.pdbx_seq_one_letter_code
_entity_poly.pdbx_strand_id
1 'polypeptide(L)'
;EWRNTSGLYVLTNDCSNSSIVYEADDVILHTPGCVPCVQDDNTSTCWTPVTPTVAVRYVGATTASIRSHVDLLVGAATLC
SALYVGDMCGAVFLVGQAFTFRPRRHQTVQTCNCSLYPGHVSG
;
C,A
2 'polypeptide(L)'
;ETYVTGGSVAHSARGLTSLFSMGAKQKLQLVNTNGSWHINSTALNCNESINTGFIAGLFYYHKFNSTGCPQRLSSCKPII
SFRQGWGPLTDANITGPSDDRPYCWHYAPRPCSVVPASSVCGPVYCFTPSPVVVGTTDIKGKPTYNWGENETDVFLLESL
RPPSGRWFGCAWMNSTGFLKTCGAPPCNIYGGEGDPENETDLFCPTDCFRKHPEATYSRCGAGPWLTPRCMVDYPYRLWH
YPCTVNFTLFKVRMFVGGFEHRFTAACNWTRGERCNIEDRDRSEQHPLLHSTTELAILPCSFTPMPALSTLGIHLHQNIV
DVQYLYG
;
D,B
#
loop_
_chem_comp.id
_chem_comp.type
_chem_comp.name
_chem_comp.formula
BMA D-saccharide, beta linking beta-D-mannopyranose 'C6 H12 O6'
NAG D-saccharide, beta linking 2-acetamido-2-deoxy-beta-D-glucopyranose 'C8 H15 N O6'
#
# COMPACT_ATOMS: atom_id res chain seq x y z
N GLU A 1 -12.64 -12.00 10.57
CA GLU A 1 -11.40 -12.48 9.98
C GLU A 1 -10.48 -13.06 11.06
N TRP A 2 -10.69 -12.65 12.30
CA TRP A 2 -9.86 -13.10 13.41
C TRP A 2 -10.72 -13.29 14.65
N ARG A 3 -10.22 -14.10 15.57
CA ARG A 3 -10.94 -14.38 16.81
C ARG A 3 -9.96 -14.32 17.98
N ASN A 4 -10.54 -14.34 19.17
CA ASN A 4 -9.81 -14.13 20.41
C ASN A 4 -9.71 -15.44 21.17
N THR A 5 -8.50 -15.79 21.62
CA THR A 5 -8.30 -17.03 22.36
C THR A 5 -7.07 -16.91 23.23
N SER A 6 -7.25 -17.04 24.54
CA SER A 6 -6.16 -17.07 25.52
C SER A 6 -5.26 -15.85 25.38
N GLY A 7 -5.88 -14.69 25.15
CA GLY A 7 -5.12 -13.47 24.98
C GLY A 7 -4.21 -13.50 23.77
N LEU A 8 -4.75 -13.94 22.64
CA LEU A 8 -3.93 -14.05 21.43
C LEU A 8 -4.86 -14.02 20.22
N TYR A 9 -4.78 -12.96 19.42
CA TYR A 9 -5.56 -12.88 18.19
C TYR A 9 -5.11 -13.95 17.23
N VAL A 10 -6.06 -14.65 16.62
CA VAL A 10 -5.74 -15.75 15.71
C VAL A 10 -6.64 -15.66 14.48
N LEU A 11 -6.05 -15.85 13.30
CA LEU A 11 -6.80 -15.81 12.06
C LEU A 11 -7.84 -16.93 12.03
N THR A 12 -8.96 -16.64 11.36
CA THR A 12 -10.03 -17.62 11.17
C THR A 12 -10.92 -17.15 10.04
N ASN A 13 -11.82 -18.04 9.62
CA ASN A 13 -12.83 -17.69 8.62
C ASN A 13 -14.22 -17.57 9.23
N ASP A 14 -14.32 -17.61 10.56
CA ASP A 14 -15.61 -17.48 11.21
C ASP A 14 -16.07 -16.03 11.22
N CYS A 15 -17.37 -15.83 11.02
CA CYS A 15 -17.92 -14.48 11.01
C CYS A 15 -18.09 -13.94 12.42
N SER A 16 -17.79 -12.66 12.58
CA SER A 16 -18.03 -11.97 13.84
C SER A 16 -19.51 -11.60 13.95
N ASN A 17 -19.88 -11.12 15.14
CA ASN A 17 -21.24 -10.65 15.34
C ASN A 17 -21.56 -9.47 14.43
N SER A 18 -20.55 -8.67 14.08
CA SER A 18 -20.73 -7.50 13.25
C SER A 18 -20.58 -7.79 11.76
N SER A 19 -20.15 -8.99 11.39
CA SER A 19 -19.95 -9.32 9.99
C SER A 19 -21.19 -9.91 9.34
N ILE A 20 -22.24 -10.17 10.09
CA ILE A 20 -23.49 -10.73 9.57
C ILE A 20 -24.53 -9.62 9.52
N VAL A 21 -25.13 -9.41 8.35
CA VAL A 21 -26.14 -8.37 8.19
C VAL A 21 -27.53 -8.90 8.45
N TYR A 22 -27.89 -10.02 7.82
CA TYR A 22 -29.18 -10.65 8.02
C TYR A 22 -29.01 -12.15 8.08
N GLU A 23 -29.84 -12.81 8.89
CA GLU A 23 -29.81 -14.26 8.98
C GLU A 23 -31.24 -14.78 9.11
N ALA A 24 -31.51 -15.88 8.42
CA ALA A 24 -32.79 -16.59 8.49
C ALA A 24 -32.53 -18.01 8.99
N ASP A 25 -33.62 -18.74 9.22
CA ASP A 25 -33.51 -20.08 9.76
C ASP A 25 -32.88 -21.08 8.79
N ASP A 26 -32.70 -20.71 7.52
CA ASP A 26 -31.95 -21.55 6.59
C ASP A 26 -30.97 -20.78 5.73
N VAL A 27 -30.89 -19.46 5.85
CA VAL A 27 -29.98 -18.64 5.05
C VAL A 27 -29.35 -17.58 5.93
N ILE A 28 -28.04 -17.34 5.74
CA ILE A 28 -27.35 -16.22 6.38
C ILE A 28 -26.86 -15.27 5.31
N LEU A 29 -26.98 -13.98 5.58
CA LEU A 29 -26.38 -12.92 4.77
C LEU A 29 -25.31 -12.22 5.58
N HIS A 30 -24.19 -11.89 4.94
CA HIS A 30 -23.05 -11.37 5.67
C HIS A 30 -22.16 -10.61 4.71
N THR A 31 -21.35 -9.71 5.26
CA THR A 31 -20.32 -9.07 4.46
C THR A 31 -19.26 -10.09 4.06
N PRO A 32 -18.72 -9.96 2.85
CA PRO A 32 -17.63 -10.86 2.46
C PRO A 32 -16.42 -10.70 3.37
N GLY A 33 -15.80 -11.83 3.70
CA GLY A 33 -14.63 -11.81 4.56
C GLY A 33 -14.64 -12.90 5.63
N CYS A 34 -15.64 -13.77 5.60
CA CYS A 34 -15.78 -14.80 6.62
C CYS A 34 -16.79 -15.84 6.13
N VAL A 35 -17.03 -16.83 6.98
CA VAL A 35 -17.97 -17.92 6.71
C VAL A 35 -18.73 -18.24 7.99
N PRO A 36 -20.05 -18.41 7.92
CA PRO A 36 -20.83 -18.64 9.15
C PRO A 36 -20.60 -20.02 9.74
N CYS A 37 -20.55 -20.07 11.07
CA CYS A 37 -20.45 -21.30 11.84
C CYS A 37 -21.48 -21.23 12.96
N VAL A 38 -22.20 -22.33 13.18
CA VAL A 38 -23.35 -22.32 14.09
C VAL A 38 -23.31 -23.55 14.98
N GLN A 39 -23.67 -23.36 16.24
CA GLN A 39 -23.81 -24.44 17.22
C GLN A 39 -25.25 -24.46 17.71
N ASP A 40 -25.84 -25.64 17.76
CA ASP A 40 -27.24 -25.76 18.18
C ASP A 40 -27.38 -26.43 19.55
N ASP A 41 -26.89 -27.65 19.71
CA ASP A 41 -26.67 -28.24 21.02
C ASP A 41 -25.59 -29.31 20.87
N ASN A 42 -24.52 -29.16 21.65
CA ASN A 42 -23.32 -29.99 21.62
C ASN A 42 -22.89 -30.35 20.21
N THR A 43 -23.18 -29.47 19.25
CA THR A 43 -22.94 -29.73 17.82
C THR A 43 -22.81 -28.39 17.11
N SER A 44 -21.62 -28.13 16.60
CA SER A 44 -21.34 -26.93 15.81
C SER A 44 -20.79 -27.34 14.46
N THR A 45 -21.16 -26.59 13.43
CA THR A 45 -20.75 -26.92 12.06
C THR A 45 -20.68 -25.64 11.23
N CYS A 46 -20.21 -25.81 10.00
CA CYS A 46 -20.00 -24.72 9.07
C CYS A 46 -21.25 -24.53 8.22
N TRP A 47 -21.31 -23.42 7.48
CA TRP A 47 -22.40 -23.19 6.56
C TRP A 47 -21.85 -23.02 5.15
N THR A 48 -22.54 -23.63 4.18
CA THR A 48 -22.02 -23.71 2.82
C THR A 48 -22.08 -22.34 2.16
N PRO A 49 -20.95 -21.79 1.71
CA PRO A 49 -20.97 -20.49 1.05
C PRO A 49 -21.11 -20.57 -0.46
N VAL A 50 -22.07 -19.85 -1.02
CA VAL A 50 -22.20 -19.66 -2.45
C VAL A 50 -22.41 -18.18 -2.72
N THR A 51 -21.62 -17.61 -3.64
CA THR A 51 -21.61 -16.16 -3.84
C THR A 51 -21.35 -15.51 -2.48
N PRO A 52 -20.08 -15.50 -2.02
CA PRO A 52 -19.76 -15.49 -0.58
C PRO A 52 -20.61 -14.62 0.33
N THR A 53 -21.25 -13.57 -0.20
CA THR A 53 -22.11 -12.73 0.62
C THR A 53 -23.16 -13.54 1.37
N VAL A 54 -23.75 -14.53 0.70
CA VAL A 54 -24.84 -15.32 1.28
C VAL A 54 -24.37 -16.76 1.44
N ALA A 55 -24.74 -17.36 2.58
CA ALA A 55 -24.35 -18.73 2.90
C ALA A 55 -25.58 -19.54 3.26
N VAL A 56 -25.51 -20.84 2.97
CA VAL A 56 -26.61 -21.78 3.17
C VAL A 56 -26.11 -22.95 4.01
N ARG A 57 -27.05 -23.60 4.69
CA ARG A 57 -26.70 -24.74 5.54
C ARG A 57 -26.43 -25.96 4.69
N TYR A 58 -27.44 -26.41 3.96
CA TYR A 58 -27.32 -27.38 2.90
C TYR A 58 -27.74 -26.71 1.60
N VAL A 59 -27.48 -27.37 0.48
CA VAL A 59 -27.70 -26.69 -0.80
C VAL A 59 -29.19 -26.81 -1.11
N GLY A 60 -29.98 -25.92 -0.51
CA GLY A 60 -31.41 -25.84 -0.73
C GLY A 60 -31.90 -24.41 -0.63
N ALA A 61 -31.02 -23.45 -0.94
CA ALA A 61 -31.28 -22.03 -0.71
C ALA A 61 -32.68 -21.61 -1.15
N THR A 62 -33.09 -22.01 -2.35
CA THR A 62 -34.43 -21.71 -2.83
C THR A 62 -35.06 -22.94 -3.46
N ARG A 102 -38.11 -14.75 7.25
CA ARG A 102 -38.36 -15.33 8.56
C ARG A 102 -37.06 -15.42 9.34
N PRO A 103 -36.57 -14.28 9.84
CA PRO A 103 -35.26 -14.26 10.47
C PRO A 103 -35.21 -15.09 11.74
N ARG A 104 -34.04 -15.65 12.02
CA ARG A 104 -33.80 -16.42 13.23
C ARG A 104 -32.34 -16.24 13.64
N ARG A 105 -32.13 -15.99 14.94
CA ARG A 105 -30.81 -15.71 15.48
C ARG A 105 -30.13 -17.02 15.82
N HIS A 106 -29.27 -17.51 14.94
CA HIS A 106 -28.66 -18.83 15.09
C HIS A 106 -27.26 -18.78 15.72
N GLN A 107 -27.16 -18.15 16.89
CA GLN A 107 -26.10 -18.40 17.87
C GLN A 107 -24.72 -17.89 17.48
N THR A 108 -24.51 -17.51 16.21
CA THR A 108 -23.33 -16.79 15.71
C THR A 108 -22.02 -17.13 16.44
N VAL A 109 -21.63 -18.41 16.45
CA VAL A 109 -20.53 -18.86 17.30
C VAL A 109 -19.29 -19.11 16.45
N GLN A 110 -18.10 -19.02 17.07
CA GLN A 110 -16.83 -19.03 16.35
C GLN A 110 -15.86 -20.11 16.84
N THR A 111 -16.36 -21.16 17.48
CA THR A 111 -15.48 -22.27 17.86
C THR A 111 -15.43 -23.31 16.74
N CYS A 112 -14.97 -22.87 15.58
CA CYS A 112 -15.23 -23.58 14.34
C CYS A 112 -14.05 -23.39 13.39
N ASN A 113 -13.52 -24.50 12.87
CA ASN A 113 -12.23 -24.46 12.18
C ASN A 113 -12.31 -24.28 10.66
N CYS A 114 -13.39 -24.72 10.01
CA CYS A 114 -13.27 -25.10 8.60
C CYS A 114 -12.91 -23.91 7.71
N SER A 115 -12.61 -24.23 6.45
CA SER A 115 -12.35 -23.38 5.30
C SER A 115 -10.98 -22.71 5.35
N LEU A 116 -10.21 -22.85 6.44
CA LEU A 116 -8.85 -22.34 6.43
C LEU A 116 -7.83 -23.41 6.07
N TYR A 117 -8.17 -24.68 6.30
CA TYR A 117 -7.47 -25.79 5.66
C TYR A 117 -8.35 -26.35 4.57
N PRO A 118 -8.05 -26.12 3.30
CA PRO A 118 -8.99 -26.52 2.24
C PRO A 118 -9.24 -28.01 2.15
N GLY A 119 -8.32 -28.84 2.64
CA GLY A 119 -8.40 -30.26 2.35
C GLY A 119 -8.39 -30.44 0.85
N HIS A 120 -7.48 -29.72 0.20
CA HIS A 120 -7.51 -29.46 -1.24
C HIS A 120 -7.61 -30.73 -2.07
N VAL A 121 -8.74 -30.90 -2.76
CA VAL A 121 -8.85 -31.96 -3.75
C VAL A 121 -7.96 -31.63 -4.94
N SER A 122 -7.30 -32.65 -5.48
CA SER A 122 -6.37 -32.46 -6.59
C SER A 122 -7.03 -31.71 -7.73
N GLY A 123 -6.50 -30.53 -8.03
CA GLY A 123 -7.05 -29.67 -9.07
C GLY A 123 -6.66 -30.10 -10.47
N GLU B 1 4.28 -33.84 8.96
CA GLU B 1 5.60 -33.23 9.11
C GLU B 1 5.63 -31.85 8.46
N THR B 2 6.00 -30.85 9.24
CA THR B 2 5.99 -29.46 8.79
C THR B 2 7.30 -29.15 8.06
N TYR B 3 7.19 -28.69 6.81
CA TYR B 3 8.35 -28.33 6.01
C TYR B 3 7.90 -27.30 4.98
N VAL B 4 8.84 -26.90 4.11
CA VAL B 4 8.61 -25.89 3.09
C VAL B 4 8.98 -26.46 1.74
N THR B 5 8.61 -25.72 0.69
CA THR B 5 8.88 -26.12 -0.69
C THR B 5 9.82 -25.15 -1.39
N GLY B 6 9.53 -23.86 -1.37
CA GLY B 6 10.33 -22.85 -2.03
C GLY B 6 11.47 -22.30 -1.21
N GLY B 7 11.74 -22.85 -0.03
CA GLY B 7 12.78 -22.34 0.82
C GLY B 7 14.18 -22.55 0.28
N SER B 8 14.83 -21.45 -0.10
CA SER B 8 16.22 -21.49 -0.56
C SER B 8 17.15 -21.21 0.62
N VAL B 9 18.23 -21.97 0.68
CA VAL B 9 19.19 -21.88 1.78
C VAL B 9 20.57 -21.61 1.20
N ALA B 10 21.27 -20.63 1.77
CA ALA B 10 22.61 -20.26 1.34
C ALA B 10 23.69 -20.78 2.28
N HIS B 11 23.38 -21.81 3.07
CA HIS B 11 24.37 -22.35 4.01
C HIS B 11 25.57 -22.93 3.28
N SER B 12 25.33 -23.60 2.16
CA SER B 12 26.41 -24.22 1.37
C SER B 12 26.39 -23.68 -0.06
N ALA B 13 26.24 -22.35 -0.19
CA ALA B 13 26.24 -21.70 -1.50
C ALA B 13 27.69 -21.44 -1.94
N ARG B 14 28.46 -22.53 -2.02
CA ARG B 14 29.87 -22.44 -2.33
C ARG B 14 30.34 -23.75 -2.96
N GLY B 15 31.51 -23.69 -3.58
CA GLY B 15 32.20 -24.89 -4.04
C GLY B 15 33.56 -24.59 -4.63
N LEU B 16 34.58 -25.31 -4.16
CA LEU B 16 35.95 -25.16 -4.64
C LEU B 16 36.41 -23.71 -4.59
N THR B 17 35.99 -22.98 -3.56
CA THR B 17 36.38 -21.58 -3.38
C THR B 17 37.55 -21.41 -2.42
N SER B 18 38.46 -22.39 -2.39
CA SER B 18 39.57 -22.42 -1.43
C SER B 18 40.69 -21.46 -1.78
N LEU B 19 40.47 -20.51 -2.69
CA LEU B 19 41.51 -19.52 -3.00
C LEU B 19 41.84 -18.69 -1.76
N PHE B 20 40.82 -18.24 -1.03
CA PHE B 20 41.06 -17.55 0.23
C PHE B 20 41.29 -18.55 1.35
N SER B 21 40.39 -19.52 1.49
CA SER B 21 40.54 -20.69 2.36
C SER B 21 40.42 -20.34 3.84
N MET B 22 40.40 -19.06 4.18
CA MET B 22 40.12 -18.68 5.57
C MET B 22 39.46 -17.29 5.51
N GLY B 23 38.14 -17.28 5.41
CA GLY B 23 37.32 -16.08 5.57
C GLY B 23 37.78 -14.80 4.90
N ALA B 24 38.60 -14.91 3.85
CA ALA B 24 39.26 -13.77 3.22
C ALA B 24 40.04 -12.93 4.22
N LYS B 25 40.46 -13.54 5.33
CA LYS B 25 41.33 -13.03 6.38
C LYS B 25 40.65 -12.06 7.36
N GLN B 26 39.43 -11.61 7.09
CA GLN B 26 38.70 -10.78 8.07
C GLN B 26 37.71 -11.63 8.87
N LYS B 27 38.28 -12.54 9.65
CA LYS B 27 37.48 -13.50 10.42
C LYS B 27 36.51 -12.78 11.35
N LEU B 28 35.24 -13.21 11.31
CA LEU B 28 34.22 -12.69 12.21
C LEU B 28 33.95 -13.72 13.31
N GLN B 29 33.84 -13.24 14.54
CA GLN B 29 33.44 -14.10 15.65
C GLN B 29 32.91 -13.23 16.77
N LEU B 30 32.10 -13.84 17.62
CA LEU B 30 31.50 -13.16 18.75
C LEU B 30 32.38 -13.31 19.99
N VAL B 31 32.52 -12.21 20.72
CA VAL B 31 33.34 -12.19 21.94
C VAL B 31 32.53 -11.53 23.05
N ASN B 32 32.59 -12.13 24.24
CA ASN B 32 31.99 -11.52 25.41
C ASN B 32 32.75 -10.26 25.79
N THR B 33 32.03 -9.31 26.39
CA THR B 33 32.65 -8.07 26.84
C THR B 33 31.90 -7.61 28.08
N ASN B 34 32.42 -7.98 29.26
CA ASN B 34 31.83 -7.61 30.54
C ASN B 34 30.35 -8.01 30.60
N GLY B 35 30.07 -9.23 30.16
CA GLY B 35 28.71 -9.72 30.13
C GLY B 35 27.92 -9.34 28.90
N SER B 36 28.55 -8.71 27.92
CA SER B 36 27.89 -8.34 26.67
C SER B 36 28.60 -9.02 25.51
N TRP B 37 27.80 -9.51 24.56
CA TRP B 37 28.31 -10.29 23.43
C TRP B 37 28.09 -9.50 22.15
N HIS B 38 29.19 -9.03 21.55
CA HIS B 38 29.16 -8.30 20.30
C HIS B 38 30.21 -8.89 19.37
N ILE B 39 30.29 -8.34 18.16
CA ILE B 39 31.25 -8.80 17.18
C ILE B 39 32.64 -8.26 17.51
N ASN B 40 33.66 -9.07 17.27
CA ASN B 40 35.03 -8.65 17.54
C ASN B 40 35.47 -7.61 16.51
N SER B 41 35.32 -6.33 16.88
CA SER B 41 35.64 -5.25 15.97
C SER B 41 37.14 -5.06 15.75
N THR B 42 37.98 -5.75 16.52
CA THR B 42 39.41 -5.50 16.46
C THR B 42 40.00 -5.81 15.09
N ALA B 43 40.01 -7.08 14.66
CA ALA B 43 40.56 -7.37 13.34
C ALA B 43 39.66 -6.78 12.26
N LEU B 44 38.51 -7.41 12.03
CA LEU B 44 37.29 -6.80 11.49
C LEU B 44 37.55 -5.59 10.59
N ASN B 45 38.23 -5.79 9.46
CA ASN B 45 38.56 -4.70 8.54
C ASN B 45 37.35 -3.80 8.30
N CYS B 46 37.59 -2.51 8.10
CA CYS B 46 36.54 -1.51 8.18
C CYS B 46 36.38 -0.63 6.95
N ASN B 47 37.47 -0.30 6.27
CA ASN B 47 37.45 0.67 5.18
C ASN B 47 37.28 0.03 3.81
N GLU B 48 36.58 -1.11 3.73
CA GLU B 48 36.46 -1.82 2.48
C GLU B 48 35.46 -1.14 1.56
N SER B 49 35.50 -1.53 0.29
CA SER B 49 34.53 -1.10 -0.70
C SER B 49 33.38 -2.09 -0.78
N ILE B 50 32.37 -1.74 -1.59
CA ILE B 50 31.19 -2.58 -1.72
C ILE B 50 31.56 -3.94 -2.31
N ASN B 51 32.38 -3.94 -3.36
CA ASN B 51 32.77 -5.20 -3.99
C ASN B 51 33.60 -6.06 -3.05
N THR B 52 34.53 -5.44 -2.32
CA THR B 52 35.34 -6.19 -1.37
C THR B 52 34.49 -6.80 -0.26
N GLY B 53 33.53 -6.02 0.26
CA GLY B 53 32.63 -6.56 1.27
C GLY B 53 31.75 -7.68 0.74
N PHE B 54 31.29 -7.55 -0.50
CA PHE B 54 30.48 -8.59 -1.11
C PHE B 54 31.29 -9.88 -1.28
N ILE B 55 32.55 -9.75 -1.71
CA ILE B 55 33.42 -10.92 -1.82
C ILE B 55 33.64 -11.53 -0.45
N ALA B 56 33.87 -10.69 0.56
CA ALA B 56 34.08 -11.20 1.91
C ALA B 56 32.88 -12.00 2.40
N GLY B 57 31.67 -11.47 2.20
CA GLY B 57 30.48 -12.15 2.66
C GLY B 57 30.15 -13.42 1.90
N LEU B 58 30.66 -13.56 0.67
CA LEU B 58 30.41 -14.77 -0.10
C LEU B 58 31.03 -16.00 0.56
N PHE B 59 32.23 -15.85 1.10
CA PHE B 59 32.95 -16.95 1.72
C PHE B 59 32.43 -17.29 3.11
N TYR B 60 31.51 -16.51 3.67
CA TYR B 60 31.18 -16.63 5.09
C TYR B 60 29.97 -17.54 5.26
N TYR B 61 30.24 -18.85 5.22
CA TYR B 61 29.20 -19.85 5.37
C TYR B 61 29.50 -20.92 6.41
N HIS B 62 30.75 -21.18 6.73
CA HIS B 62 31.10 -22.33 7.57
C HIS B 62 31.87 -21.96 8.83
N LYS B 63 32.77 -20.98 8.76
CA LYS B 63 33.68 -20.68 9.86
C LYS B 63 33.03 -19.92 11.00
N PHE B 64 31.72 -19.70 10.97
CA PHE B 64 31.06 -18.95 12.03
C PHE B 64 30.97 -19.84 13.26
N ASN B 65 31.48 -19.34 14.38
CA ASN B 65 31.65 -20.13 15.60
C ASN B 65 30.38 -20.02 16.44
N SER B 66 29.57 -21.07 16.42
CA SER B 66 28.28 -21.09 17.12
C SER B 66 28.50 -21.42 18.60
N THR B 67 29.05 -20.45 19.31
CA THR B 67 29.34 -20.61 20.73
C THR B 67 28.54 -19.67 21.62
N GLY B 68 28.64 -18.37 21.37
CA GLY B 68 27.91 -17.39 22.17
C GLY B 68 26.52 -17.09 21.67
N CYS B 69 26.14 -17.63 20.51
CA CYS B 69 24.85 -17.29 19.91
C CYS B 69 23.66 -17.66 20.79
N PRO B 70 23.56 -18.86 21.37
CA PRO B 70 22.36 -19.17 22.17
C PRO B 70 22.22 -18.30 23.40
N GLN B 71 23.28 -18.19 24.21
CA GLN B 71 23.20 -17.37 25.42
C GLN B 71 22.99 -15.90 25.07
N ARG B 72 23.48 -15.45 23.92
CA ARG B 72 23.19 -14.08 23.49
C ARG B 72 21.71 -13.94 23.12
N LEU B 73 21.16 -14.92 22.41
CA LEU B 73 19.76 -14.90 22.02
C LEU B 73 18.82 -15.11 23.18
N SER B 74 19.33 -15.54 24.35
CA SER B 74 18.47 -15.71 25.52
C SER B 74 17.76 -14.42 25.89
N SER B 75 18.33 -13.27 25.54
CA SER B 75 17.67 -12.00 25.82
C SER B 75 16.38 -11.85 25.02
N CYS B 76 16.38 -12.30 23.77
CA CYS B 76 15.20 -12.19 22.92
C CYS B 76 14.06 -13.06 23.45
N LYS B 77 12.84 -12.63 23.16
CA LYS B 77 11.64 -13.30 23.62
C LYS B 77 10.72 -13.59 22.45
N PRO B 78 9.93 -14.66 22.52
CA PRO B 78 8.94 -14.92 21.48
C PRO B 78 7.74 -13.98 21.62
N ILE B 79 6.94 -13.94 20.56
CA ILE B 79 5.78 -13.05 20.54
C ILE B 79 4.76 -13.43 21.59
N ILE B 80 4.76 -14.68 22.04
CA ILE B 80 3.78 -15.12 23.05
C ILE B 80 4.02 -14.44 24.39
N SER B 81 5.28 -14.19 24.74
CA SER B 81 5.62 -13.72 26.08
C SER B 81 5.02 -12.35 26.41
N PHE B 82 4.69 -11.55 25.40
CA PHE B 82 4.16 -10.22 25.63
C PHE B 82 2.67 -10.31 25.99
N ARG B 83 2.03 -9.17 26.18
CA ARG B 83 0.61 -9.12 26.53
C ARG B 83 -0.22 -8.70 25.32
N GLN B 84 -1.53 -8.75 25.51
CA GLN B 84 -2.46 -8.47 24.42
C GLN B 84 -2.46 -6.99 24.06
N GLY B 85 -3.07 -6.68 22.92
CA GLY B 85 -3.20 -5.31 22.47
C GLY B 85 -4.60 -5.04 21.98
N TRP B 86 -4.97 -3.76 22.01
CA TRP B 86 -6.32 -3.33 21.66
C TRP B 86 -6.30 -1.84 21.39
N GLY B 87 -7.37 -1.36 20.76
CA GLY B 87 -7.57 0.06 20.56
C GLY B 87 -6.84 0.62 19.35
N PRO B 88 -7.07 1.89 19.06
CA PRO B 88 -6.39 2.53 17.93
C PRO B 88 -4.89 2.65 18.17
N LEU B 89 -4.14 2.67 17.08
CA LEU B 89 -2.69 2.78 17.15
C LEU B 89 -2.27 4.19 17.52
N THR B 90 -1.21 4.28 18.33
CA THR B 90 -0.58 5.55 18.66
C THR B 90 0.93 5.40 18.54
N ASP B 91 1.58 6.44 18.03
CA ASP B 91 3.02 6.40 17.83
C ASP B 91 3.73 6.56 19.17
N ALA B 92 4.57 5.58 19.51
CA ALA B 92 5.31 5.62 20.76
C ALA B 92 6.46 6.62 20.67
N ASN B 93 6.92 7.04 21.84
CA ASN B 93 8.03 8.00 21.96
C ASN B 93 9.15 7.31 22.75
N ILE B 94 10.17 6.85 22.05
CA ILE B 94 11.30 6.18 22.69
C ILE B 94 12.28 7.24 23.16
N THR B 95 12.55 7.27 24.47
CA THR B 95 13.45 8.24 25.06
C THR B 95 14.27 7.57 26.16
N GLY B 96 15.34 8.23 26.56
CA GLY B 96 16.17 7.74 27.64
C GLY B 96 16.96 6.51 27.25
N PRO B 97 17.51 5.83 28.25
CA PRO B 97 18.30 4.61 27.96
C PRO B 97 17.42 3.51 27.39
N SER B 98 18.04 2.68 26.55
CA SER B 98 17.40 1.51 25.96
C SER B 98 18.26 0.30 26.30
N ASP B 99 18.00 -0.30 27.46
CA ASP B 99 18.79 -1.44 27.91
C ASP B 99 18.59 -2.64 26.99
N ASP B 100 17.42 -2.76 26.37
CA ASP B 100 17.12 -3.90 25.52
C ASP B 100 18.13 -4.04 24.39
N ARG B 101 18.52 -5.27 24.12
CA ARG B 101 19.53 -5.53 23.09
C ARG B 101 18.94 -5.30 21.71
N PRO B 102 19.55 -4.46 20.87
CA PRO B 102 18.91 -4.09 19.60
C PRO B 102 18.69 -5.23 18.63
N TYR B 103 19.48 -6.31 18.71
CA TYR B 103 19.37 -7.35 17.69
C TYR B 103 18.08 -8.16 17.79
N CYS B 104 17.34 -8.04 18.88
CA CYS B 104 16.06 -8.74 18.98
C CYS B 104 15.08 -8.17 17.97
N TRP B 105 14.18 -9.04 17.50
CA TRP B 105 13.21 -8.63 16.49
C TRP B 105 12.26 -7.57 17.03
N HIS B 106 12.02 -7.55 18.34
CA HIS B 106 11.05 -6.67 18.97
C HIS B 106 11.69 -5.49 19.66
N TYR B 107 12.76 -4.94 19.08
CA TYR B 107 13.47 -3.82 19.66
C TYR B 107 12.92 -2.52 19.09
N ALA B 108 12.43 -1.65 19.96
CA ALA B 108 11.92 -0.35 19.52
C ALA B 108 13.09 0.62 19.36
N PRO B 109 13.32 1.15 18.17
CA PRO B 109 14.46 2.06 17.95
C PRO B 109 14.07 3.52 18.15
N ARG B 110 15.11 4.34 18.25
CA ARG B 110 14.93 5.79 18.29
C ARG B 110 14.78 6.35 16.88
N PRO B 111 14.27 7.57 16.75
CA PRO B 111 14.19 8.18 15.42
C PRO B 111 15.56 8.29 14.77
N CYS B 112 15.61 8.07 13.46
CA CYS B 112 16.86 8.05 12.73
C CYS B 112 17.42 9.46 12.55
N SER B 113 18.16 9.94 13.54
CA SER B 113 18.70 11.29 13.53
C SER B 113 20.05 11.31 12.81
N VAL B 114 20.75 12.43 12.91
CA VAL B 114 22.08 12.53 12.34
C VAL B 114 23.04 11.65 13.14
N VAL B 115 24.12 11.22 12.49
CA VAL B 115 25.13 10.38 13.13
C VAL B 115 26.47 10.55 12.43
N PRO B 116 27.52 10.95 13.15
CA PRO B 116 28.84 11.10 12.50
C PRO B 116 29.39 9.76 12.06
N ALA B 117 30.16 9.80 10.96
CA ALA B 117 30.76 8.57 10.44
C ALA B 117 32.01 8.15 11.19
N SER B 118 32.53 8.98 12.09
CA SER B 118 33.71 8.61 12.86
C SER B 118 33.45 7.44 13.80
N SER B 119 32.18 7.09 14.03
CA SER B 119 31.85 5.99 14.93
C SER B 119 30.95 4.98 14.24
N VAL B 120 31.31 4.56 13.04
CA VAL B 120 30.60 3.49 12.34
C VAL B 120 31.57 2.77 11.43
N CYS B 121 31.51 1.43 11.45
CA CYS B 121 32.30 0.60 10.58
C CYS B 121 31.39 -0.18 9.65
N GLY B 122 31.72 -0.17 8.35
CA GLY B 122 30.90 -0.82 7.36
C GLY B 122 29.76 0.08 6.90
N PRO B 123 29.09 -0.32 5.82
CA PRO B 123 28.00 0.50 5.29
C PRO B 123 26.78 0.48 6.21
N VAL B 124 25.98 1.52 6.09
CA VAL B 124 24.71 1.63 6.81
C VAL B 124 23.58 1.43 5.81
N TYR B 125 22.62 0.59 6.17
CA TYR B 125 21.54 0.21 5.26
C TYR B 125 20.22 0.68 5.84
N CYS B 126 19.48 1.45 5.05
CA CYS B 126 18.08 1.73 5.37
C CYS B 126 17.19 0.74 4.62
N PHE B 127 15.94 0.63 5.07
CA PHE B 127 15.03 -0.37 4.56
C PHE B 127 13.76 0.30 4.07
N THR B 128 13.77 0.72 2.81
CA THR B 128 12.51 1.06 2.16
C THR B 128 12.17 -0.24 1.47
N PRO B 129 11.18 -1.01 1.99
CA PRO B 129 11.48 -2.36 2.53
C PRO B 129 12.69 -3.08 1.94
N SER B 130 12.81 -3.16 0.63
CA SER B 130 14.11 -3.44 0.03
C SER B 130 15.20 -2.58 0.68
N PRO B 131 16.42 -3.11 0.80
CA PRO B 131 17.49 -2.35 1.44
C PRO B 131 18.22 -1.44 0.48
N VAL B 132 18.69 -0.31 1.02
CA VAL B 132 19.49 0.66 0.28
C VAL B 132 20.66 1.08 1.15
N VAL B 133 21.82 1.33 0.52
CA VAL B 133 22.96 1.85 1.25
C VAL B 133 22.83 3.37 1.36
N VAL B 134 23.37 3.94 2.44
CA VAL B 134 23.30 5.37 2.67
C VAL B 134 24.68 5.97 2.58
N GLY B 135 24.81 7.06 1.81
CA GLY B 135 26.05 7.77 1.65
C GLY B 135 26.24 8.86 2.70
N THR B 136 27.15 9.78 2.40
CA THR B 136 27.54 10.80 3.37
C THR B 136 27.69 12.15 2.65
N THR B 137 28.19 13.13 3.41
CA THR B 137 28.47 14.48 2.95
C THR B 137 29.24 15.18 4.06
N ASP B 138 30.19 16.03 3.67
CA ASP B 138 31.13 16.61 4.63
C ASP B 138 30.42 17.55 5.60
N ILE B 139 30.89 17.55 6.85
CA ILE B 139 30.23 18.33 7.90
C ILE B 139 30.67 19.79 7.91
N LYS B 140 31.77 20.13 7.24
CA LYS B 140 32.29 21.49 7.32
C LYS B 140 31.36 22.48 6.64
N GLY B 141 30.93 22.18 5.41
CA GLY B 141 30.14 23.13 4.64
C GLY B 141 28.79 23.46 5.23
N LYS B 142 28.04 22.44 5.63
CA LYS B 142 26.71 22.65 6.19
C LYS B 142 26.80 23.13 7.64
N PRO B 143 25.79 23.90 8.10
CA PRO B 143 25.87 24.48 9.44
C PRO B 143 25.59 23.51 10.58
N THR B 144 25.57 22.20 10.29
CA THR B 144 25.43 21.22 11.37
C THR B 144 26.60 21.31 12.34
N TYR B 145 27.78 21.67 11.84
CA TYR B 145 28.84 22.30 12.62
C TYR B 145 29.32 21.42 13.77
N ASN B 146 29.99 20.32 13.39
CA ASN B 146 30.97 19.65 14.26
C ASN B 146 30.31 19.11 15.54
N TRP B 147 29.46 18.10 15.34
CA TRP B 147 28.90 17.38 16.49
C TRP B 147 29.97 16.86 17.42
N GLY B 148 31.03 16.26 16.89
CA GLY B 148 32.11 15.74 17.70
C GLY B 148 33.30 16.67 17.77
N GLU B 149 34.42 16.26 17.18
CA GLU B 149 35.59 17.12 17.07
C GLU B 149 36.36 16.73 15.82
N ASN B 150 36.53 17.70 14.91
CA ASN B 150 37.24 17.53 13.63
C ASN B 150 36.81 16.26 12.89
N GLU B 151 35.58 15.81 13.12
CA GLU B 151 35.05 14.64 12.43
C GLU B 151 34.55 15.03 11.04
N THR B 152 34.44 14.04 10.17
CA THR B 152 34.24 14.30 8.75
C THR B 152 33.20 13.35 8.18
N ASP B 153 32.45 13.84 7.18
CA ASP B 153 31.66 12.99 6.28
C ASP B 153 30.56 12.24 7.04
N VAL B 154 29.69 12.99 7.71
CA VAL B 154 28.73 12.42 8.64
C VAL B 154 27.53 11.85 7.90
N PHE B 155 26.78 11.00 8.59
CA PHE B 155 25.55 10.40 8.08
C PHE B 155 24.35 11.15 8.64
N LEU B 156 23.33 11.33 7.80
CA LEU B 156 22.06 11.90 8.23
C LEU B 156 20.92 11.12 7.59
N LEU B 157 19.87 10.84 8.37
CA LEU B 157 18.78 10.01 7.89
C LEU B 157 17.47 10.77 7.80
N GLU B 158 16.98 11.34 8.90
CA GLU B 158 15.86 12.29 8.93
C GLU B 158 14.74 11.91 7.95
N SER B 159 14.16 10.74 8.19
CA SER B 159 13.11 10.22 7.31
C SER B 159 11.84 9.93 8.10
N LEU B 160 10.70 10.20 7.47
CA LEU B 160 9.40 9.86 8.02
C LEU B 160 8.99 8.49 7.52
N ARG B 161 7.71 8.15 7.67
CA ARG B 161 7.23 6.87 7.17
C ARG B 161 7.38 6.81 5.65
N PRO B 162 7.79 5.68 5.09
CA PRO B 162 8.16 5.60 3.66
C PRO B 162 7.07 6.08 2.73
N PRO B 163 5.78 5.89 3.06
CA PRO B 163 4.75 6.54 2.22
C PRO B 163 4.94 8.04 2.09
N SER B 164 5.40 8.71 3.16
CA SER B 164 5.75 10.11 3.11
C SER B 164 7.25 10.35 3.17
N GLY B 165 7.93 9.70 4.11
CA GLY B 165 9.37 9.83 4.25
C GLY B 165 10.12 9.00 3.22
N ARG B 166 11.28 8.49 3.63
CA ARG B 166 12.17 7.78 2.73
C ARG B 166 12.38 6.31 3.07
N TRP B 167 12.39 5.96 4.35
CA TRP B 167 12.64 4.57 4.73
C TRP B 167 12.05 4.31 6.11
N PHE B 168 11.82 3.02 6.40
CA PHE B 168 11.31 2.64 7.72
C PHE B 168 12.38 2.82 8.78
N GLY B 169 13.49 2.11 8.64
CA GLY B 169 14.57 2.19 9.61
C GLY B 169 15.89 1.79 8.97
N CYS B 170 16.97 2.14 9.67
CA CYS B 170 18.31 1.90 9.18
C CYS B 170 19.14 1.24 10.27
N ALA B 171 20.19 0.54 9.84
CA ALA B 171 21.02 -0.23 10.73
C ALA B 171 22.47 -0.17 10.27
N TRP B 172 23.37 -0.31 11.25
CA TRP B 172 24.82 -0.29 11.05
C TRP B 172 25.45 -0.83 12.33
N MET B 173 26.77 -0.69 12.44
CA MET B 173 27.48 -0.94 13.68
C MET B 173 28.34 0.27 14.01
N ASN B 174 28.52 0.53 15.30
CA ASN B 174 29.39 1.64 15.67
C ASN B 174 30.84 1.17 15.71
N SER B 175 31.74 2.11 16.06
CA SER B 175 33.17 1.87 15.89
C SER B 175 33.64 0.65 16.66
N THR B 176 33.14 0.44 17.87
CA THR B 176 33.52 -0.72 18.66
C THR B 176 32.80 -1.99 18.23
N GLY B 177 32.09 -1.96 17.09
CA GLY B 177 31.48 -3.15 16.54
C GLY B 177 30.12 -3.49 17.08
N PHE B 178 29.59 -2.72 18.02
CA PHE B 178 28.25 -2.99 18.55
C PHE B 178 27.20 -2.54 17.55
N LEU B 179 26.14 -3.34 17.44
CA LEU B 179 25.06 -3.02 16.50
C LEU B 179 24.34 -1.76 16.95
N LYS B 180 24.05 -0.88 15.98
CA LYS B 180 23.29 0.33 16.25
C LYS B 180 22.27 0.53 15.13
N THR B 181 21.01 0.73 15.50
CA THR B 181 19.95 0.91 14.54
C THR B 181 19.02 2.02 15.00
N CYS B 182 18.26 2.55 14.05
CA CYS B 182 17.24 3.55 14.32
C CYS B 182 16.10 3.35 13.34
N GLY B 183 15.02 4.10 13.53
CA GLY B 183 13.91 4.00 12.61
C GLY B 183 12.76 4.88 13.04
N ALA B 184 11.66 4.76 12.29
CA ALA B 184 10.46 5.51 12.58
C ALA B 184 9.86 5.05 13.91
N PRO B 185 9.11 5.92 14.58
CA PRO B 185 8.48 5.53 15.85
C PRO B 185 7.54 4.36 15.66
N PRO B 186 7.54 3.41 16.59
CA PRO B 186 6.63 2.27 16.48
C PRO B 186 5.25 2.58 17.04
N CYS B 187 4.37 1.58 17.09
CA CYS B 187 3.00 1.76 17.53
C CYS B 187 2.86 1.38 19.01
N ASN B 188 2.11 2.18 19.74
CA ASN B 188 1.68 1.81 21.08
C ASN B 188 0.29 1.20 21.00
N ILE B 189 0.12 0.02 21.59
CA ILE B 189 -1.11 -0.75 21.45
C ILE B 189 -1.83 -0.91 22.79
N TYR B 190 -1.55 -0.03 23.75
CA TYR B 190 -2.23 -0.07 25.03
C TYR B 190 -2.77 1.30 25.42
N GLY B 191 -2.12 2.37 24.92
CA GLY B 191 -2.55 3.71 25.26
C GLY B 191 -3.96 4.02 24.77
N GLY B 192 -4.26 3.63 23.55
CA GLY B 192 -5.58 3.84 22.98
C GLY B 192 -6.33 2.55 22.77
N ASN B 198 4.61 -10.25 35.13
CA ASN B 198 5.75 -11.01 34.65
C ASN B 198 6.04 -10.69 33.19
N GLU B 199 4.97 -10.47 32.41
CA GLU B 199 5.12 -10.17 31.00
C GLU B 199 5.62 -8.74 30.80
N THR B 200 5.76 -8.35 29.53
CA THR B 200 6.23 -7.03 29.16
C THR B 200 5.36 -6.47 28.05
N ASP B 201 5.37 -5.15 27.93
CA ASP B 201 4.53 -4.45 26.96
C ASP B 201 5.29 -4.32 25.64
N LEU B 202 4.89 -5.14 24.67
CA LEU B 202 5.48 -5.05 23.33
C LEU B 202 5.15 -3.71 22.70
N PHE B 203 6.18 -3.07 22.11
CA PHE B 203 6.03 -1.78 21.48
C PHE B 203 5.90 -1.87 19.96
N CYS B 204 5.84 -3.08 19.41
CA CYS B 204 5.50 -3.36 18.02
C CYS B 204 6.35 -2.59 17.02
N PRO B 205 7.62 -2.96 16.84
CA PRO B 205 8.42 -2.36 15.77
C PRO B 205 8.18 -2.98 14.40
N THR B 206 7.26 -3.93 14.29
CA THR B 206 7.04 -4.66 13.05
C THR B 206 5.58 -5.06 12.97
N ASP B 207 5.26 -6.02 12.11
CA ASP B 207 3.89 -6.50 11.92
C ASP B 207 3.53 -7.44 13.06
N CYS B 208 2.99 -6.87 14.13
CA CYS B 208 2.57 -7.65 15.30
C CYS B 208 1.10 -8.05 15.18
N PHE B 209 0.81 -8.82 14.13
CA PHE B 209 -0.58 -9.17 13.83
C PHE B 209 -1.21 -9.98 14.96
N ARG B 210 -0.49 -10.96 15.47
CA ARG B 210 -1.07 -11.87 16.47
C ARG B 210 -1.36 -11.14 17.78
N LYS B 211 -0.55 -10.15 18.14
CA LYS B 211 -0.79 -9.41 19.37
C LYS B 211 -1.61 -8.15 19.16
N HIS B 212 -1.87 -7.76 17.92
CA HIS B 212 -2.73 -6.63 17.60
C HIS B 212 -3.20 -6.77 16.16
N PRO B 213 -4.51 -6.67 15.90
CA PRO B 213 -5.03 -7.17 14.62
C PRO B 213 -4.62 -6.31 13.42
N GLU B 214 -4.70 -4.98 13.53
CA GLU B 214 -4.44 -4.10 12.41
C GLU B 214 -3.08 -3.41 12.49
N ALA B 215 -2.21 -3.87 13.39
CA ALA B 215 -0.85 -3.33 13.50
C ALA B 215 0.01 -3.90 12.36
N THR B 216 -0.25 -3.41 11.16
CA THR B 216 0.39 -3.90 9.96
C THR B 216 1.82 -3.35 9.84
N TYR B 217 2.56 -3.91 8.87
CA TYR B 217 3.92 -3.46 8.64
C TYR B 217 3.95 -2.00 8.19
N SER B 218 3.04 -1.62 7.29
CA SER B 218 3.05 -0.27 6.75
C SER B 218 2.81 0.77 7.84
N ARG B 219 1.82 0.52 8.70
CA ARG B 219 1.51 1.47 9.77
C ARG B 219 2.54 1.41 10.89
N CYS B 220 2.93 0.21 11.30
CA CYS B 220 3.71 0.03 12.53
C CYS B 220 5.15 -0.38 12.31
N GLY B 221 5.46 -1.11 11.25
CA GLY B 221 6.81 -1.62 11.07
C GLY B 221 7.80 -0.49 10.92
N ALA B 222 8.97 -0.66 11.56
CA ALA B 222 10.06 0.30 11.44
C ALA B 222 11.36 -0.48 11.67
N GLY B 223 12.01 -0.87 10.59
CA GLY B 223 13.23 -1.65 10.67
C GLY B 223 13.22 -2.82 9.71
N PRO B 224 14.29 -3.61 9.72
CA PRO B 224 14.39 -4.74 8.78
C PRO B 224 13.49 -5.91 9.10
N TRP B 225 12.81 -5.90 10.25
CA TRP B 225 11.99 -7.03 10.66
C TRP B 225 10.59 -6.88 10.09
N LEU B 226 10.14 -7.88 9.33
CA LEU B 226 8.79 -7.90 8.80
C LEU B 226 7.85 -8.66 9.73
N THR B 227 8.25 -9.86 10.13
CA THR B 227 7.53 -10.69 11.07
C THR B 227 8.45 -11.05 12.23
N PRO B 228 7.90 -11.44 13.38
CA PRO B 228 8.76 -11.94 14.47
C PRO B 228 9.58 -13.15 14.08
N ARG B 229 9.28 -13.78 12.94
CA ARG B 229 10.03 -14.93 12.47
C ARG B 229 10.94 -14.61 11.28
N CYS B 230 10.60 -13.59 10.48
CA CYS B 230 11.30 -13.34 9.23
C CYS B 230 11.76 -11.90 9.15
N MET B 231 12.69 -11.67 8.22
CA MET B 231 13.31 -10.37 8.02
C MET B 231 13.73 -10.24 6.56
N VAL B 232 13.95 -9.01 6.12
CA VAL B 232 14.42 -8.75 4.76
C VAL B 232 15.94 -8.94 4.72
N ASP B 233 16.40 -9.73 3.76
CA ASP B 233 17.82 -10.00 3.64
C ASP B 233 18.54 -8.90 2.87
N TYR B 234 19.85 -8.84 3.07
CA TYR B 234 20.71 -7.88 2.40
C TYR B 234 22.16 -8.36 2.57
N PRO B 235 23.07 -7.89 1.71
CA PRO B 235 24.43 -8.47 1.71
C PRO B 235 25.12 -8.43 3.06
N TYR B 236 24.82 -7.45 3.89
CA TYR B 236 25.45 -7.33 5.21
C TYR B 236 24.54 -7.77 6.34
N ARG B 237 23.52 -8.58 6.04
CA ARG B 237 22.73 -9.18 7.11
C ARG B 237 23.60 -10.07 7.98
N LEU B 238 24.43 -10.90 7.34
CA LEU B 238 25.41 -11.69 8.06
C LEU B 238 26.34 -10.81 8.87
N TRP B 239 26.75 -9.67 8.31
CA TRP B 239 27.64 -8.77 9.02
C TRP B 239 26.99 -8.24 10.28
N HIS B 240 25.79 -7.67 10.15
CA HIS B 240 25.14 -7.00 11.27
C HIS B 240 24.65 -8.01 12.31
N TYR B 241 23.77 -8.91 11.91
CA TYR B 241 23.18 -9.84 12.87
C TYR B 241 23.88 -11.19 12.73
N PRO B 242 24.64 -11.63 13.73
CA PRO B 242 25.36 -12.90 13.58
C PRO B 242 24.48 -14.13 13.74
N CYS B 243 23.51 -14.09 14.64
CA CYS B 243 22.78 -15.31 15.00
C CYS B 243 21.79 -15.76 13.92
N THR B 244 21.57 -14.96 12.88
CA THR B 244 20.68 -15.34 11.79
C THR B 244 21.41 -16.10 10.68
N VAL B 245 22.50 -16.79 11.01
CA VAL B 245 23.25 -17.53 10.00
C VAL B 245 22.39 -18.62 9.38
N ASN B 246 21.64 -19.35 10.19
CA ASN B 246 20.95 -20.56 9.76
C ASN B 246 19.56 -20.31 9.19
N PHE B 247 19.30 -19.09 8.70
CA PHE B 247 18.00 -18.79 8.13
C PHE B 247 17.88 -19.37 6.72
N THR B 248 16.65 -19.40 6.22
CA THR B 248 16.36 -19.82 4.86
C THR B 248 15.69 -18.68 4.11
N LEU B 249 16.00 -18.57 2.81
CA LEU B 249 15.62 -17.41 2.02
C LEU B 249 14.32 -17.67 1.25
N PHE B 250 13.57 -16.60 1.02
CA PHE B 250 12.35 -16.63 0.23
C PHE B 250 12.25 -15.32 -0.55
N LYS B 251 11.53 -15.37 -1.67
CA LYS B 251 11.30 -14.20 -2.50
C LYS B 251 10.02 -13.49 -2.08
N VAL B 252 10.07 -12.17 -2.00
CA VAL B 252 9.01 -11.36 -1.41
C VAL B 252 8.65 -10.21 -2.34
N ARG B 253 7.36 -10.00 -2.53
CA ARG B 253 6.83 -8.84 -3.24
C ARG B 253 5.97 -8.04 -2.27
N MET B 254 6.33 -6.77 -2.06
CA MET B 254 5.75 -5.96 -1.00
C MET B 254 4.61 -5.06 -1.48
N PHE B 255 4.84 -4.26 -2.53
CA PHE B 255 3.85 -3.33 -3.06
C PHE B 255 3.42 -2.33 -1.98
N VAL B 256 4.40 -1.53 -1.56
CA VAL B 256 4.23 -0.57 -0.47
C VAL B 256 4.08 0.83 -1.05
N GLY B 257 3.09 1.58 -0.54
CA GLY B 257 2.93 2.98 -0.89
C GLY B 257 2.67 3.23 -2.37
N GLY B 258 2.03 2.29 -3.04
CA GLY B 258 1.75 2.45 -4.46
C GLY B 258 2.85 1.90 -5.35
N PHE B 259 4.11 2.09 -4.94
CA PHE B 259 5.22 1.57 -5.70
C PHE B 259 5.36 0.06 -5.47
N GLU B 260 6.18 -0.57 -6.31
CA GLU B 260 6.43 -2.00 -6.25
C GLU B 260 7.78 -2.27 -5.63
N HIS B 261 7.83 -3.19 -4.67
CA HIS B 261 9.06 -3.57 -3.99
C HIS B 261 9.24 -5.07 -4.06
N ARG B 262 10.42 -5.51 -4.51
CA ARG B 262 10.77 -6.91 -4.58
C ARG B 262 12.14 -7.11 -3.96
N PHE B 263 12.28 -8.17 -3.18
CA PHE B 263 13.54 -8.48 -2.50
C PHE B 263 13.44 -9.92 -1.99
N THR B 264 14.42 -10.32 -1.19
CA THR B 264 14.45 -11.64 -0.58
C THR B 264 14.34 -11.52 0.93
N ALA B 265 13.77 -12.55 1.55
CA ALA B 265 13.57 -12.57 3.00
C ALA B 265 14.09 -13.86 3.59
N ALA B 266 14.73 -13.74 4.75
CA ALA B 266 15.18 -14.87 5.54
C ALA B 266 14.23 -15.11 6.71
N CYS B 267 14.24 -16.33 7.23
CA CYS B 267 13.32 -16.70 8.30
C CYS B 267 14.00 -17.67 9.26
N ASN B 268 13.66 -17.56 10.53
CA ASN B 268 14.13 -18.50 11.55
C ASN B 268 13.24 -19.74 11.53
N TRP B 269 13.37 -20.49 10.42
CA TRP B 269 12.53 -21.66 10.18
C TRP B 269 13.39 -22.91 10.17
N THR B 270 12.92 -23.94 10.87
CA THR B 270 13.49 -25.27 10.82
C THR B 270 12.39 -26.27 10.54
N ARG B 271 12.76 -27.39 9.92
CA ARG B 271 11.79 -28.42 9.61
C ARG B 271 11.28 -29.06 10.91
N GLY B 272 9.97 -29.20 11.03
CA GLY B 272 9.36 -29.83 12.18
C GLY B 272 8.78 -28.89 13.22
N GLU B 273 8.77 -27.59 12.98
CA GLU B 273 8.22 -26.66 13.94
C GLU B 273 6.70 -26.76 13.98
N ARG B 274 6.14 -26.77 15.20
CA ARG B 274 4.69 -26.78 15.36
C ARG B 274 4.10 -25.48 14.83
N CYS B 275 3.23 -25.59 13.82
CA CYS B 275 2.67 -24.43 13.15
C CYS B 275 1.20 -24.66 12.83
N ASN B 276 0.43 -25.14 13.81
CA ASN B 276 -0.92 -25.62 13.52
C ASN B 276 -1.84 -24.52 12.96
N ILE B 277 -2.29 -23.59 13.79
CA ILE B 277 -3.02 -22.44 13.26
C ILE B 277 -2.57 -21.14 13.94
N GLU B 278 -2.08 -21.24 15.19
CA GLU B 278 -1.82 -20.04 15.96
C GLU B 278 -0.52 -19.36 15.54
N ASP B 279 0.43 -20.11 15.02
CA ASP B 279 1.73 -19.56 14.65
C ASP B 279 1.74 -19.07 13.21
N ARG B 280 0.77 -18.23 12.87
CA ARG B 280 0.67 -17.61 11.56
C ARG B 280 0.65 -16.11 11.75
N ASP B 281 1.48 -15.40 10.98
CA ASP B 281 1.61 -13.95 11.09
C ASP B 281 1.22 -13.29 9.77
N ARG B 282 0.49 -12.18 9.86
CA ARG B 282 0.07 -11.46 8.67
C ARG B 282 1.28 -10.82 7.98
N SER B 283 1.27 -10.87 6.65
CA SER B 283 2.33 -10.23 5.87
C SER B 283 1.77 -9.97 4.48
N GLU B 284 1.78 -8.71 4.06
CA GLU B 284 1.18 -8.32 2.79
C GLU B 284 2.10 -8.74 1.64
N GLN B 285 1.84 -9.91 1.09
CA GLN B 285 2.54 -10.43 -0.08
C GLN B 285 1.70 -10.23 -1.34
N HIS B 286 2.36 -10.35 -2.47
CA HIS B 286 1.71 -10.29 -3.78
C HIS B 286 2.40 -11.30 -4.69
N PRO B 287 1.67 -11.88 -5.64
CA PRO B 287 2.25 -12.94 -6.46
C PRO B 287 3.41 -12.46 -7.30
N LEU B 288 4.42 -13.33 -7.44
CA LEU B 288 5.53 -13.05 -8.34
C LEU B 288 5.21 -13.54 -9.75
N LEU B 289 4.65 -14.73 -9.86
CA LEU B 289 4.28 -15.29 -11.16
C LEU B 289 2.82 -15.04 -11.51
N HIS B 290 1.97 -14.75 -10.52
CA HIS B 290 0.57 -14.40 -10.71
C HIS B 290 -0.23 -15.52 -11.38
N SER B 291 0.28 -16.74 -11.39
CA SER B 291 -0.40 -17.87 -12.02
C SER B 291 -0.17 -19.12 -11.17
N THR B 292 -0.67 -20.25 -11.68
CA THR B 292 -0.52 -21.57 -11.06
C THR B 292 -1.19 -21.65 -9.70
N THR B 293 -1.87 -20.58 -9.29
CA THR B 293 -2.67 -20.52 -8.07
C THR B 293 -1.88 -20.81 -6.80
N GLU B 294 -0.55 -20.85 -6.89
CA GLU B 294 0.32 -21.09 -5.74
C GLU B 294 1.05 -19.81 -5.41
N LEU B 295 1.03 -19.42 -4.14
CA LEU B 295 1.72 -18.23 -3.67
C LEU B 295 2.87 -18.64 -2.76
N ALA B 296 4.09 -18.22 -3.11
CA ALA B 296 5.26 -18.47 -2.29
C ALA B 296 5.28 -17.43 -1.17
N ILE B 297 4.77 -17.82 0.00
CA ILE B 297 4.61 -16.91 1.12
C ILE B 297 5.60 -17.31 2.22
N LEU B 298 5.86 -16.37 3.11
CA LEU B 298 6.77 -16.61 4.23
C LEU B 298 6.24 -17.77 5.07
N PRO B 299 7.12 -18.64 5.56
CA PRO B 299 6.64 -19.77 6.37
C PRO B 299 5.99 -19.28 7.64
N CYS B 300 5.00 -20.05 8.12
CA CYS B 300 4.26 -19.72 9.33
C CYS B 300 3.62 -18.34 9.22
N SER B 301 3.06 -18.03 8.05
CA SER B 301 2.49 -16.71 7.81
C SER B 301 1.34 -16.84 6.82
N PHE B 302 0.78 -15.69 6.44
CA PHE B 302 -0.29 -15.63 5.46
C PHE B 302 -0.33 -14.23 4.88
N THR B 303 -1.19 -14.05 3.88
CA THR B 303 -1.35 -12.75 3.24
C THR B 303 -2.83 -12.41 3.15
N PRO B 304 -3.17 -11.12 3.23
CA PRO B 304 -4.58 -10.70 3.11
C PRO B 304 -5.02 -10.50 1.66
N MET B 305 -4.80 -11.53 0.84
CA MET B 305 -5.21 -11.55 -0.57
C MET B 305 -6.16 -12.72 -0.75
N PRO B 306 -7.47 -12.47 -0.79
CA PRO B 306 -8.44 -13.57 -0.86
C PRO B 306 -8.30 -14.37 -2.15
N ALA B 307 -8.99 -15.51 -2.17
CA ALA B 307 -8.89 -16.45 -3.29
C ALA B 307 -9.61 -15.90 -4.52
N LEU B 308 -9.49 -16.65 -5.62
CA LEU B 308 -10.02 -16.18 -6.91
C LEU B 308 -11.53 -16.08 -6.88
N SER B 309 -12.21 -17.22 -6.75
CA SER B 309 -13.67 -17.26 -6.81
C SER B 309 -14.31 -16.93 -5.46
N THR B 310 -13.69 -17.38 -4.38
CA THR B 310 -14.20 -17.16 -3.03
C THR B 310 -13.12 -16.48 -2.20
N LEU B 311 -13.36 -16.42 -0.89
CA LEU B 311 -12.40 -15.87 0.06
C LEU B 311 -12.18 -16.88 1.17
N GLY B 312 -11.40 -16.48 2.17
CA GLY B 312 -11.00 -17.41 3.21
C GLY B 312 -9.64 -18.01 2.89
N ILE B 313 -8.63 -17.65 3.67
CA ILE B 313 -7.25 -18.04 3.40
C ILE B 313 -7.14 -19.56 3.45
N HIS B 314 -6.72 -20.16 2.34
CA HIS B 314 -6.54 -21.60 2.27
C HIS B 314 -5.05 -21.93 2.39
N LEU B 315 -4.69 -22.67 3.42
CA LEU B 315 -3.31 -23.01 3.70
C LEU B 315 -3.20 -24.50 3.97
N HIS B 316 -2.04 -25.07 3.67
CA HIS B 316 -1.86 -26.51 3.75
C HIS B 316 -1.48 -26.95 5.15
N GLN B 317 -1.73 -28.23 5.44
CA GLN B 317 -1.49 -28.76 6.77
C GLN B 317 0.01 -28.81 7.08
N ASN B 318 0.81 -29.31 6.15
CA ASN B 318 2.20 -29.62 6.41
C ASN B 318 3.19 -28.66 5.77
N ILE B 319 2.81 -28.01 4.68
CA ILE B 319 3.67 -27.03 4.01
C ILE B 319 3.04 -25.65 4.21
N VAL B 320 3.81 -24.74 4.80
CA VAL B 320 3.29 -23.47 5.28
C VAL B 320 3.63 -22.35 4.31
N ASP B 321 4.70 -22.52 3.53
CA ASP B 321 5.12 -21.49 2.60
C ASP B 321 4.14 -21.29 1.45
N VAL B 322 3.20 -22.20 1.26
CA VAL B 322 2.29 -22.17 0.13
C VAL B 322 0.98 -21.51 0.54
N GLN B 323 0.51 -20.57 -0.27
CA GLN B 323 -0.84 -20.02 -0.15
C GLN B 323 -1.64 -20.49 -1.36
N TYR B 324 -2.81 -21.06 -1.09
CA TYR B 324 -3.63 -21.68 -2.12
C TYR B 324 -4.61 -20.67 -2.71
N LEU B 325 -4.84 -20.81 -4.01
CA LEU B 325 -5.95 -20.14 -4.69
C LEU B 325 -6.93 -21.20 -5.16
N TYR B 326 -7.90 -20.77 -5.97
CA TYR B 326 -8.97 -21.63 -6.51
C TYR B 326 -9.57 -22.53 -5.43
N GLY B 327 -10.05 -21.88 -4.38
CA GLY B 327 -10.67 -22.60 -3.27
C GLY B 327 -11.93 -23.33 -3.65
N GLU C 1 10.44 3.98 -17.05
CA GLU C 1 9.00 3.74 -17.04
C GLU C 1 8.25 4.94 -17.62
N TRP C 2 8.90 6.11 -17.60
CA TRP C 2 8.27 7.32 -18.10
C TRP C 2 9.31 8.17 -18.80
N ARG C 3 8.83 9.05 -19.68
CA ARG C 3 9.70 9.93 -20.44
C ARG C 3 9.12 11.34 -20.46
N ASN C 4 9.94 12.26 -20.93
CA ASN C 4 9.63 13.69 -20.89
C ASN C 4 9.31 14.18 -22.29
N THR C 5 8.20 14.92 -22.40
CA THR C 5 7.80 15.46 -23.71
C THR C 5 6.94 16.69 -23.49
N SER C 6 7.40 17.83 -24.02
CA SER C 6 6.63 19.07 -24.03
C SER C 6 6.17 19.45 -22.63
N GLY C 7 7.04 19.25 -21.65
CA GLY C 7 6.71 19.54 -20.27
C GLY C 7 5.55 18.69 -19.76
N LEU C 8 5.60 17.40 -20.02
CA LEU C 8 4.52 16.50 -19.62
C LEU C 8 5.09 15.09 -19.51
N TYR C 9 5.15 14.56 -18.30
CA TYR C 9 5.57 13.18 -18.10
C TYR C 9 4.58 12.23 -18.76
N VAL C 10 5.10 11.22 -19.47
CA VAL C 10 4.24 10.27 -20.17
C VAL C 10 4.80 8.86 -19.99
N LEU C 11 3.90 7.92 -19.72
CA LEU C 11 4.29 6.52 -19.56
C LEU C 11 4.89 5.98 -20.84
N THR C 12 5.86 5.08 -20.69
CA THR C 12 6.48 4.40 -21.82
C THR C 12 7.17 3.14 -21.31
N ASN C 13 7.49 2.26 -22.24
CA ASN C 13 8.27 1.07 -21.94
C ASN C 13 9.74 1.23 -22.29
N ASP C 14 10.16 2.42 -22.73
CA ASP C 14 11.54 2.66 -23.09
C ASP C 14 12.41 2.77 -21.84
N CYS C 15 13.63 2.27 -21.95
CA CYS C 15 14.57 2.32 -20.84
C CYS C 15 15.22 3.69 -20.74
N SER C 16 15.39 4.16 -19.51
CA SER C 16 16.13 5.38 -19.27
C SER C 16 17.64 5.10 -19.32
N ASN C 17 18.42 6.18 -19.27
CA ASN C 17 19.87 6.02 -19.25
C ASN C 17 20.32 5.29 -17.99
N SER C 18 19.58 5.43 -16.89
CA SER C 18 19.93 4.79 -15.63
C SER C 18 19.32 3.41 -15.47
N SER C 19 18.44 2.99 -16.36
CA SER C 19 17.80 1.68 -16.24
C SER C 19 18.59 0.56 -16.91
N ILE C 20 19.66 0.89 -17.63
CA ILE C 20 20.49 -0.10 -18.30
C ILE C 20 21.78 -0.26 -17.52
N VAL C 21 22.11 -1.50 -17.15
CA VAL C 21 23.32 -1.78 -16.39
C VAL C 21 24.50 -2.08 -17.31
N TYR C 22 24.31 -2.97 -18.28
CA TYR C 22 25.35 -3.30 -19.24
C TYR C 22 24.73 -3.45 -20.62
N GLU C 23 25.48 -3.05 -21.63
CA GLU C 23 25.05 -3.20 -23.02
C GLU C 23 26.24 -3.62 -23.87
N ALA C 24 25.97 -4.51 -24.83
CA ALA C 24 26.94 -4.95 -25.81
C ALA C 24 26.46 -4.58 -27.21
N ASP C 25 27.27 -4.94 -28.21
CA ASP C 25 26.92 -4.62 -29.59
C ASP C 25 25.64 -5.33 -30.04
N ASP C 26 25.24 -6.40 -29.37
CA ASP C 26 24.06 -7.15 -29.76
C ASP C 26 23.14 -7.50 -28.59
N VAL C 27 23.54 -7.23 -27.36
CA VAL C 27 22.75 -7.59 -26.17
C VAL C 27 22.78 -6.43 -25.20
N ILE C 28 21.64 -6.14 -24.57
CA ILE C 28 21.54 -5.17 -23.49
C ILE C 28 21.12 -5.87 -22.22
N LEU C 29 21.69 -5.44 -21.10
CA LEU C 29 21.25 -5.85 -19.76
C LEU C 29 20.70 -4.64 -19.04
N HIS C 30 19.60 -4.83 -18.31
CA HIS C 30 18.90 -3.70 -17.73
C HIS C 30 18.09 -4.18 -16.54
N THR C 31 17.73 -3.24 -15.67
CA THR C 31 16.81 -3.55 -14.60
C THR C 31 15.41 -3.80 -15.18
N PRO C 32 14.66 -4.74 -14.62
CA PRO C 32 13.29 -4.96 -15.09
C PRO C 32 12.45 -3.71 -14.88
N GLY C 33 11.59 -3.42 -15.85
CA GLY C 33 10.72 -2.27 -15.80
C GLY C 33 10.72 -1.43 -17.06
N CYS C 34 11.45 -1.88 -18.08
CA CYS C 34 11.52 -1.14 -19.34
C CYS C 34 11.99 -2.08 -20.44
N VAL C 35 12.08 -1.54 -21.65
CA VAL C 35 12.49 -2.29 -22.83
C VAL C 35 13.42 -1.42 -23.68
N PRO C 36 14.53 -1.95 -24.18
CA PRO C 36 15.48 -1.12 -24.93
C PRO C 36 14.99 -0.76 -26.33
N CYS C 37 15.34 0.45 -26.75
CA CYS C 37 14.96 0.97 -28.06
C CYS C 37 16.10 1.82 -28.57
N VAL C 38 16.53 1.57 -29.82
CA VAL C 38 17.79 2.10 -30.31
C VAL C 38 17.58 2.78 -31.66
N GLN C 39 18.27 3.90 -31.86
CA GLN C 39 18.29 4.62 -33.13
C GLN C 39 19.71 4.64 -33.66
N ASP C 40 19.89 4.30 -34.94
CA ASP C 40 21.22 4.26 -35.53
C ASP C 40 21.45 5.37 -36.54
N ASP C 41 20.62 5.48 -37.58
CA ASP C 41 20.59 6.67 -38.43
C ASP C 41 19.24 6.70 -39.15
N ASN C 42 18.49 7.78 -38.90
CA ASN C 42 17.12 7.98 -39.39
C ASN C 42 16.26 6.73 -39.23
N THR C 43 16.64 5.86 -38.29
CA THR C 43 15.98 4.57 -38.09
C THR C 43 16.12 4.19 -36.63
N SER C 44 14.99 4.20 -35.92
CA SER C 44 14.92 3.73 -34.55
C SER C 44 14.00 2.52 -34.48
N THR C 45 14.51 1.45 -33.87
CA THR C 45 13.78 0.19 -33.77
C THR C 45 13.77 -0.25 -32.31
N CYS C 46 13.13 -1.40 -32.08
CA CYS C 46 12.79 -1.90 -30.77
C CYS C 46 13.65 -3.14 -30.50
N TRP C 47 13.84 -3.49 -29.23
CA TRP C 47 14.66 -4.65 -28.92
C TRP C 47 13.83 -5.74 -28.25
N THR C 48 14.02 -6.97 -28.73
CA THR C 48 13.22 -8.11 -28.28
C THR C 48 13.67 -8.56 -26.89
N PRO C 49 12.79 -8.55 -25.89
CA PRO C 49 13.19 -9.02 -24.56
C PRO C 49 12.89 -10.49 -24.32
N VAL C 50 13.86 -11.20 -23.74
CA VAL C 50 13.65 -12.56 -23.24
C VAL C 50 14.26 -12.62 -21.83
N THR C 51 13.50 -13.18 -20.88
CA THR C 51 13.88 -13.10 -19.47
C THR C 51 14.14 -11.62 -19.15
N PRO C 52 13.07 -10.83 -18.96
CA PRO C 52 13.10 -9.39 -19.23
C PRO C 52 14.34 -8.61 -18.80
N THR C 53 15.10 -9.10 -17.83
CA THR C 53 16.32 -8.41 -17.42
C THR C 53 17.24 -8.15 -18.61
N VAL C 54 17.39 -9.12 -19.50
CA VAL C 54 18.28 -9.02 -20.64
C VAL C 54 17.43 -9.00 -21.92
N ALA C 55 17.81 -8.13 -22.86
CA ALA C 55 17.11 -8.00 -24.12
C ALA C 55 18.09 -8.12 -25.28
N VAL C 56 17.57 -8.61 -26.41
CA VAL C 56 18.37 -8.87 -27.60
C VAL C 56 17.71 -8.19 -28.80
N ARG C 57 18.55 -7.79 -29.76
CA ARG C 57 18.05 -7.15 -30.97
C ARG C 57 17.18 -8.10 -31.78
N TYR C 58 17.80 -9.16 -32.30
CA TYR C 58 17.14 -10.25 -32.98
C TYR C 58 17.41 -11.53 -32.20
N VAL C 59 16.67 -12.59 -32.49
CA VAL C 59 16.76 -13.76 -31.63
C VAL C 59 17.99 -14.55 -32.06
N GLY C 60 19.15 -14.10 -31.61
CA GLY C 60 20.43 -14.74 -31.85
C GLY C 60 21.35 -14.57 -30.66
N ALA C 61 20.76 -14.43 -29.47
CA ALA C 61 21.52 -14.07 -28.27
C ALA C 61 22.80 -14.87 -28.11
N THR C 62 22.71 -16.19 -28.20
CA THR C 62 23.89 -17.05 -28.10
C THR C 62 23.90 -18.09 -29.22
N ARG C 102 32.13 -7.44 -25.09
CA ARG C 102 32.50 -6.40 -26.05
C ARG C 102 31.45 -5.30 -26.02
N PRO C 103 31.46 -4.49 -24.96
CA PRO C 103 30.40 -3.49 -24.78
C PRO C 103 30.43 -2.42 -25.87
N ARG C 104 29.25 -1.90 -26.19
CA ARG C 104 29.10 -0.82 -27.15
C ARG C 104 27.93 0.05 -26.72
N ARG C 105 28.13 1.37 -26.74
CA ARG C 105 27.14 2.34 -26.28
C ARG C 105 26.17 2.62 -27.44
N HIS C 106 25.03 1.96 -27.43
CA HIS C 106 24.09 2.01 -28.55
C HIS C 106 22.98 3.03 -28.32
N GLN C 107 23.39 4.28 -28.05
CA GLN C 107 22.59 5.48 -28.29
C GLN C 107 21.39 5.65 -27.37
N THR C 108 21.00 4.60 -26.63
CA THR C 108 20.01 4.63 -25.55
C THR C 108 18.87 5.65 -25.76
N VAL C 109 18.14 5.53 -26.86
CA VAL C 109 17.14 6.54 -27.22
C VAL C 109 15.77 6.09 -26.75
N GLN C 110 14.82 7.04 -26.69
CA GLN C 110 13.48 6.77 -26.18
C GLN C 110 12.38 7.28 -27.11
N THR C 111 12.65 7.39 -28.42
CA THR C 111 11.59 7.72 -29.38
C THR C 111 10.93 6.43 -29.87
N CYS C 112 10.34 5.72 -28.91
CA CYS C 112 9.98 4.32 -29.09
C CYS C 112 8.61 4.07 -28.48
N ASN C 113 7.71 3.45 -29.27
CA ASN C 113 6.35 3.20 -28.81
C ASN C 113 6.05 1.76 -28.43
N CYS C 114 6.87 0.79 -28.82
CA CYS C 114 6.37 -0.58 -28.86
C CYS C 114 6.09 -1.11 -27.46
N SER C 115 5.36 -2.23 -27.43
CA SER C 115 5.03 -3.05 -26.26
C SER C 115 4.06 -2.39 -25.30
N LEU C 116 3.66 -1.13 -25.53
CA LEU C 116 2.63 -0.55 -24.67
C LEU C 116 1.26 -0.63 -25.32
N TYR C 117 1.20 -0.77 -26.64
CA TYR C 117 0.07 -1.43 -27.28
C TYR C 117 0.49 -2.82 -27.72
N PRO C 118 -0.01 -3.89 -27.10
CA PRO C 118 0.48 -5.22 -27.43
C PRO C 118 0.22 -5.66 -28.86
N GLY C 119 -0.74 -5.05 -29.54
CA GLY C 119 -1.19 -5.61 -30.81
C GLY C 119 -1.66 -7.02 -30.57
N HIS C 120 -2.45 -7.18 -29.50
CA HIS C 120 -2.73 -8.47 -28.88
C HIS C 120 -3.25 -9.51 -29.86
N VAL C 121 -2.47 -10.56 -30.08
CA VAL C 121 -2.94 -11.72 -30.82
C VAL C 121 -3.94 -12.47 -29.96
N SER C 122 -5.01 -12.97 -30.59
CA SER C 122 -6.06 -13.65 -29.86
C SER C 122 -5.51 -14.82 -29.06
N GLY C 123 -5.88 -14.90 -27.79
CA GLY C 123 -5.38 -15.93 -26.90
C GLY C 123 -6.23 -17.18 -26.87
N GLU D 1 -12.35 3.96 -32.90
CA GLU D 1 -13.33 4.61 -32.03
C GLU D 1 -13.10 4.22 -30.58
N THR D 2 -12.93 5.22 -29.71
CA THR D 2 -12.59 5.01 -28.31
C THR D 2 -13.86 4.79 -27.50
N TYR D 3 -13.92 3.68 -26.77
CA TYR D 3 -15.05 3.36 -25.91
C TYR D 3 -14.56 2.43 -24.81
N VAL D 4 -15.51 1.98 -23.97
CA VAL D 4 -15.21 1.12 -22.84
C VAL D 4 -16.04 -0.15 -22.94
N THR D 5 -15.71 -1.12 -22.10
CA THR D 5 -16.40 -2.40 -22.05
C THR D 5 -17.13 -2.62 -20.75
N GLY D 6 -16.46 -2.47 -19.62
CA GLY D 6 -17.05 -2.68 -18.31
C GLY D 6 -17.69 -1.46 -17.69
N GLY D 7 -17.81 -0.37 -18.43
CA GLY D 7 -18.40 0.85 -17.90
C GLY D 7 -19.88 0.76 -17.61
N SER D 8 -20.23 0.77 -16.33
CA SER D 8 -21.63 0.77 -15.92
C SER D 8 -22.11 2.20 -15.72
N VAL D 9 -23.34 2.47 -16.14
CA VAL D 9 -23.92 3.81 -16.07
C VAL D 9 -25.24 3.72 -15.32
N ALA D 10 -25.44 4.62 -14.35
CA ALA D 10 -26.65 4.67 -13.55
C ALA D 10 -27.60 5.78 -13.99
N HIS D 11 -27.47 6.25 -15.23
CA HIS D 11 -28.32 7.34 -15.71
C HIS D 11 -29.78 6.91 -15.75
N SER D 12 -30.05 5.67 -16.13
CA SER D 12 -31.40 5.15 -16.24
C SER D 12 -31.55 3.90 -15.38
N ALA D 13 -31.03 3.96 -14.16
CA ALA D 13 -31.14 2.85 -13.20
C ALA D 13 -32.48 2.91 -12.48
N ARG D 14 -33.56 2.89 -13.27
CA ARG D 14 -34.90 3.04 -12.74
C ARG D 14 -35.89 2.40 -13.69
N GLY D 15 -37.10 2.19 -13.17
CA GLY D 15 -38.22 1.77 -14.00
C GLY D 15 -39.52 1.69 -13.23
N LEU D 16 -40.56 2.32 -13.75
CA LEU D 16 -41.89 2.34 -13.13
C LEU D 16 -41.84 2.76 -11.67
N THR D 17 -40.95 3.72 -11.36
CA THR D 17 -40.80 4.24 -10.01
C THR D 17 -41.62 5.50 -9.76
N SER D 18 -42.75 5.64 -10.45
CA SER D 18 -43.55 6.86 -10.44
C SER D 18 -44.36 7.04 -9.16
N LEU D 19 -44.06 6.29 -8.10
CA LEU D 19 -44.76 6.49 -6.83
C LEU D 19 -44.52 7.90 -6.30
N PHE D 20 -43.26 8.31 -6.20
CA PHE D 20 -42.95 9.69 -5.84
C PHE D 20 -43.26 10.64 -7.00
N SER D 21 -42.77 10.31 -8.19
CA SER D 21 -43.11 10.95 -9.46
C SER D 21 -42.53 12.36 -9.57
N MET D 22 -41.99 12.91 -8.48
CA MET D 22 -41.29 14.19 -8.57
C MET D 22 -40.26 14.23 -7.44
N GLY D 23 -39.04 13.79 -7.75
CA GLY D 23 -37.88 13.96 -6.89
C GLY D 23 -38.04 13.66 -5.42
N ALA D 24 -39.05 12.86 -5.06
CA ALA D 24 -39.44 12.64 -3.66
C ALA D 24 -39.66 13.96 -2.93
N LYS D 25 -40.00 15.02 -3.68
CA LYS D 25 -40.38 16.36 -3.24
C LYS D 25 -39.19 17.24 -2.82
N GLN D 26 -38.00 16.69 -2.63
CA GLN D 26 -36.83 17.53 -2.34
C GLN D 26 -36.01 17.78 -3.61
N LYS D 27 -36.64 18.47 -4.55
CA LYS D 27 -36.03 18.74 -5.84
C LYS D 27 -34.72 19.52 -5.67
N LEU D 28 -33.68 19.09 -6.38
CA LEU D 28 -32.38 19.75 -6.34
C LEU D 28 -32.11 20.39 -7.68
N GLN D 29 -31.62 21.64 -7.66
CA GLN D 29 -31.20 22.32 -8.87
C GLN D 29 -30.28 23.46 -8.48
N LEU D 30 -29.46 23.89 -9.43
CA LEU D 30 -28.47 24.92 -9.18
C LEU D 30 -29.07 26.31 -9.36
N VAL D 31 -28.68 27.22 -8.48
CA VAL D 31 -29.11 28.60 -8.52
C VAL D 31 -27.90 29.52 -8.42
N ASN D 32 -27.90 30.58 -9.21
CA ASN D 32 -26.86 31.58 -9.14
C ASN D 32 -27.03 32.42 -7.88
N THR D 33 -25.92 32.94 -7.38
CA THR D 33 -25.93 33.80 -6.19
C THR D 33 -24.78 34.79 -6.31
N ASN D 34 -25.10 35.99 -6.82
CA ASN D 34 -24.12 37.07 -6.97
C ASN D 34 -22.89 36.59 -7.75
N GLY D 35 -23.14 35.89 -8.85
CA GLY D 35 -22.07 35.35 -9.66
C GLY D 35 -21.51 34.03 -9.19
N SER D 36 -22.09 33.43 -8.16
CA SER D 36 -21.66 32.14 -7.67
C SER D 36 -22.80 31.14 -7.82
N TRP D 37 -22.46 29.91 -8.18
CA TRP D 37 -23.44 28.87 -8.49
C TRP D 37 -23.30 27.74 -7.48
N HIS D 38 -24.29 27.63 -6.59
CA HIS D 38 -24.36 26.57 -5.60
C HIS D 38 -25.73 25.92 -5.69
N ILE D 39 -25.99 24.96 -4.79
CA ILE D 39 -27.24 24.22 -4.81
C ILE D 39 -28.29 24.99 -4.03
N ASN D 40 -29.55 24.79 -4.41
CA ASN D 40 -30.69 25.50 -3.84
C ASN D 40 -30.95 24.98 -2.43
N SER D 41 -30.20 25.51 -1.47
CA SER D 41 -30.31 25.09 -0.09
C SER D 41 -31.66 25.43 0.55
N THR D 42 -32.45 26.30 -0.07
CA THR D 42 -33.69 26.74 0.54
C THR D 42 -34.67 25.59 0.73
N ALA D 43 -35.18 25.01 -0.35
CA ALA D 43 -36.14 23.93 -0.20
C ALA D 43 -35.48 22.72 0.45
N LEU D 44 -34.68 21.98 -0.32
CA LEU D 44 -33.53 21.20 0.13
C LEU D 44 -33.64 20.65 1.56
N ASN D 45 -34.61 19.77 1.82
CA ASN D 45 -34.76 19.19 3.16
C ASN D 45 -33.40 18.74 3.70
N CYS D 46 -33.26 18.82 5.03
CA CYS D 46 -31.92 18.75 5.62
C CYS D 46 -31.78 17.67 6.69
N ASN D 47 -32.86 17.42 7.45
CA ASN D 47 -32.78 16.56 8.63
C ASN D 47 -33.13 15.10 8.33
N GLU D 48 -32.86 14.63 7.11
CA GLU D 48 -33.23 13.28 6.74
C GLU D 48 -32.32 12.24 7.40
N SER D 49 -32.81 11.01 7.46
CA SER D 49 -32.02 9.88 7.91
C SER D 49 -31.27 9.26 6.74
N ILE D 50 -30.45 8.26 7.05
CA ILE D 50 -29.65 7.60 6.02
C ILE D 50 -30.54 6.90 5.00
N ASN D 51 -31.54 6.17 5.48
CA ASN D 51 -32.44 5.45 4.58
C ASN D 51 -33.26 6.42 3.73
N THR D 52 -33.76 7.50 4.34
CA THR D 52 -34.52 8.48 3.58
C THR D 52 -33.66 9.14 2.51
N GLY D 53 -32.43 9.49 2.85
CA GLY D 53 -31.52 10.06 1.85
C GLY D 53 -31.20 9.08 0.74
N PHE D 54 -31.00 7.80 1.09
CA PHE D 54 -30.75 6.79 0.07
C PHE D 54 -31.93 6.63 -0.87
N ILE D 55 -33.15 6.65 -0.33
CA ILE D 55 -34.34 6.60 -1.17
C ILE D 55 -34.41 7.83 -2.06
N ALA D 56 -34.11 9.00 -1.50
CA ALA D 56 -34.15 10.23 -2.29
C ALA D 56 -33.17 10.19 -3.44
N GLY D 57 -31.94 9.71 -3.19
CA GLY D 57 -30.94 9.64 -4.23
C GLY D 57 -31.23 8.61 -5.30
N LEU D 58 -32.05 7.61 -5.00
CA LEU D 58 -32.40 6.60 -5.99
C LEU D 58 -33.21 7.21 -7.12
N PHE D 59 -34.08 8.16 -6.80
CA PHE D 59 -34.98 8.76 -7.79
C PHE D 59 -34.33 9.88 -8.59
N TYR D 60 -33.08 10.22 -8.32
CA TYR D 60 -32.46 11.40 -8.93
C TYR D 60 -31.59 10.97 -10.10
N TYR D 61 -32.22 10.83 -11.26
CA TYR D 61 -31.53 10.40 -12.47
C TYR D 61 -31.84 11.30 -13.66
N HIS D 62 -33.03 11.91 -13.68
CA HIS D 62 -33.52 12.59 -14.87
C HIS D 62 -33.82 14.07 -14.67
N LYS D 63 -34.37 14.45 -13.53
CA LYS D 63 -34.90 15.80 -13.35
C LYS D 63 -33.83 16.84 -13.09
N PHE D 64 -32.55 16.50 -13.18
CA PHE D 64 -31.49 17.45 -12.85
C PHE D 64 -31.33 18.41 -14.03
N ASN D 65 -31.48 19.71 -13.75
CA ASN D 65 -31.55 20.72 -14.80
C ASN D 65 -30.16 21.18 -15.20
N SER D 66 -29.67 20.69 -16.35
CA SER D 66 -28.31 20.96 -16.82
C SER D 66 -28.26 22.31 -17.52
N THR D 67 -28.28 23.37 -16.71
CA THR D 67 -28.26 24.74 -17.24
C THR D 67 -27.02 25.50 -16.80
N GLY D 68 -26.78 25.61 -15.50
CA GLY D 68 -25.61 26.33 -15.02
C GLY D 68 -24.35 25.51 -14.92
N CYS D 69 -24.44 24.21 -15.20
CA CYS D 69 -23.29 23.32 -15.06
C CYS D 69 -22.10 23.72 -15.92
N PRO D 70 -22.25 24.03 -17.22
CA PRO D 70 -21.06 24.37 -18.01
C PRO D 70 -20.36 25.62 -17.54
N GLN D 71 -21.10 26.73 -17.38
CA GLN D 71 -20.49 27.97 -16.93
C GLN D 71 -19.91 27.84 -15.54
N ARG D 72 -20.51 26.99 -14.70
CA ARG D 72 -19.91 26.74 -13.38
C ARG D 72 -18.60 25.96 -13.52
N LEU D 73 -18.57 24.96 -14.40
CA LEU D 73 -17.37 24.17 -14.63
C LEU D 73 -16.28 24.94 -15.37
N SER D 74 -16.61 26.11 -15.93
CA SER D 74 -15.61 26.91 -16.62
C SER D 74 -14.43 27.26 -15.70
N SER D 75 -14.67 27.32 -14.39
CA SER D 75 -13.59 27.61 -13.45
C SER D 75 -12.55 26.49 -13.43
N CYS D 76 -12.98 25.24 -13.54
CA CYS D 76 -12.05 24.12 -13.49
C CYS D 76 -11.15 24.11 -14.73
N LYS D 77 -9.97 23.53 -14.56
CA LYS D 77 -8.96 23.46 -15.61
C LYS D 77 -8.51 22.03 -15.80
N PRO D 78 -8.10 21.66 -17.01
CA PRO D 78 -7.53 20.34 -17.23
C PRO D 78 -6.11 20.26 -16.69
N ILE D 79 -5.62 19.03 -16.57
CA ILE D 79 -4.28 18.80 -16.02
C ILE D 79 -3.20 19.40 -16.91
N ILE D 80 -3.49 19.60 -18.20
CA ILE D 80 -2.49 20.15 -19.11
C ILE D 80 -2.18 21.60 -18.77
N SER D 81 -3.18 22.36 -18.33
CA SER D 81 -3.00 23.80 -18.15
C SER D 81 -1.95 24.15 -17.12
N PHE D 82 -1.67 23.27 -16.17
CA PHE D 82 -0.70 23.55 -15.12
C PHE D 82 0.71 23.41 -15.67
N ARG D 83 1.72 23.58 -14.81
CA ARG D 83 3.11 23.50 -15.20
C ARG D 83 3.73 22.19 -14.70
N GLN D 84 4.96 21.96 -15.12
CA GLN D 84 5.66 20.71 -14.81
C GLN D 84 6.02 20.64 -13.34
N GLY D 85 6.40 19.43 -12.91
CA GLY D 85 6.83 19.21 -11.56
C GLY D 85 8.09 18.36 -11.52
N TRP D 86 8.84 18.52 -10.43
CA TRP D 86 10.13 17.84 -10.29
C TRP D 86 10.52 17.86 -8.82
N GLY D 87 11.50 17.02 -8.48
CA GLY D 87 12.08 17.02 -7.16
C GLY D 87 11.30 16.19 -6.16
N PRO D 88 11.84 16.06 -4.95
CA PRO D 88 11.13 15.30 -3.91
C PRO D 88 9.87 16.01 -3.46
N LEU D 89 8.91 15.21 -2.99
CA LEU D 89 7.63 15.73 -2.54
C LEU D 89 7.78 16.46 -1.21
N THR D 90 7.03 17.55 -1.06
CA THR D 90 6.92 18.27 0.19
C THR D 90 5.45 18.59 0.45
N ASP D 91 5.07 18.53 1.73
CA ASP D 91 3.69 18.77 2.11
C ASP D 91 3.38 20.26 2.07
N ALA D 92 2.36 20.63 1.29
CA ALA D 92 1.98 22.03 1.18
C ALA D 92 1.27 22.49 2.45
N ASN D 93 1.26 23.81 2.64
CA ASN D 93 0.63 24.46 3.79
C ASN D 93 -0.43 25.42 3.25
N ILE D 94 -1.68 24.98 3.23
CA ILE D 94 -2.77 25.82 2.75
C ILE D 94 -3.23 26.74 3.88
N THR D 95 -3.14 28.04 3.64
CA THR D 95 -3.50 29.05 4.62
C THR D 95 -4.20 30.21 3.93
N GLY D 96 -4.86 31.04 4.73
CA GLY D 96 -5.52 32.22 4.22
C GLY D 96 -6.74 31.89 3.37
N PRO D 97 -7.22 32.87 2.63
CA PRO D 97 -8.39 32.64 1.77
C PRO D 97 -8.07 31.68 0.64
N SER D 98 -9.10 30.93 0.23
CA SER D 98 -9.02 30.00 -0.88
C SER D 98 -10.15 30.34 -1.85
N ASP D 99 -9.87 31.28 -2.76
CA ASP D 99 -10.86 31.74 -3.74
C ASP D 99 -11.28 30.61 -4.68
N ASP D 100 -10.39 29.66 -4.94
CA ASP D 100 -10.67 28.59 -5.90
C ASP D 100 -11.92 27.81 -5.49
N ARG D 101 -12.71 27.44 -6.50
CA ARG D 101 -13.96 26.74 -6.25
C ARG D 101 -13.68 25.30 -5.84
N PRO D 102 -14.17 24.85 -4.67
CA PRO D 102 -13.75 23.53 -4.16
C PRO D 102 -14.15 22.36 -5.03
N TYR D 103 -15.18 22.48 -5.87
CA TYR D 103 -15.65 21.31 -6.61
C TYR D 103 -14.70 20.88 -7.71
N CYS D 104 -13.72 21.70 -8.06
CA CYS D 104 -12.73 21.30 -9.05
C CYS D 104 -11.89 20.14 -8.51
N TRP D 105 -11.48 19.25 -9.42
CA TRP D 105 -10.70 18.09 -9.02
C TRP D 105 -9.36 18.48 -8.41
N HIS D 106 -8.83 19.65 -8.79
CA HIS D 106 -7.50 20.09 -8.39
C HIS D 106 -7.56 21.14 -7.28
N TYR D 107 -8.51 21.01 -6.37
CA TYR D 107 -8.67 21.98 -5.28
C TYR D 107 -7.89 21.49 -4.06
N ALA D 108 -6.96 22.31 -3.59
CA ALA D 108 -6.20 21.97 -2.39
C ALA D 108 -7.01 22.33 -1.15
N PRO D 109 -7.35 21.37 -0.29
CA PRO D 109 -8.17 21.67 0.89
C PRO D 109 -7.30 21.99 2.11
N ARG D 110 -7.96 22.55 3.11
CA ARG D 110 -7.35 22.80 4.40
C ARG D 110 -7.37 21.52 5.23
N PRO D 111 -6.54 21.45 6.29
CA PRO D 111 -6.60 20.29 7.18
C PRO D 111 -7.99 20.12 7.79
N CYS D 112 -8.40 18.86 7.93
CA CYS D 112 -9.74 18.55 8.41
C CYS D 112 -9.85 18.79 9.91
N SER D 113 -10.16 20.03 10.29
CA SER D 113 -10.21 20.42 11.69
C SER D 113 -11.63 20.19 12.24
N VAL D 114 -11.89 20.70 13.43
CA VAL D 114 -13.22 20.61 14.02
C VAL D 114 -14.19 21.49 13.23
N VAL D 115 -15.46 21.11 13.24
CA VAL D 115 -16.50 21.87 12.54
C VAL D 115 -17.85 21.65 13.20
N PRO D 116 -18.52 22.70 13.66
CA PRO D 116 -19.84 22.53 14.27
C PRO D 116 -20.87 22.06 13.24
N ALA D 117 -21.82 21.28 13.71
CA ALA D 117 -22.87 20.77 12.83
C ALA D 117 -23.99 21.76 12.60
N SER D 118 -23.99 22.90 13.28
CA SER D 118 -25.01 23.92 13.05
C SER D 118 -24.89 24.55 11.68
N SER D 119 -23.80 24.33 10.96
CA SER D 119 -23.61 24.91 9.63
C SER D 119 -23.28 23.82 8.61
N VAL D 120 -24.06 22.75 8.59
CA VAL D 120 -23.90 21.69 7.60
C VAL D 120 -25.24 20.99 7.42
N CYS D 121 -25.60 20.71 6.17
CA CYS D 121 -26.79 19.96 5.84
C CYS D 121 -26.40 18.66 5.14
N GLY D 122 -26.98 17.56 5.60
CA GLY D 122 -26.66 16.25 5.07
C GLY D 122 -25.46 15.65 5.77
N PRO D 123 -25.22 14.36 5.51
CA PRO D 123 -24.09 13.68 6.15
C PRO D 123 -22.76 14.18 5.61
N VAL D 124 -21.73 14.05 6.43
CA VAL D 124 -20.37 14.35 6.02
C VAL D 124 -19.64 13.04 5.74
N TYR D 125 -18.92 13.01 4.62
CA TYR D 125 -18.32 11.79 4.12
C TYR D 125 -16.81 11.94 4.09
N CYS D 126 -16.11 11.07 4.81
CA CYS D 126 -14.67 10.95 4.67
C CYS D 126 -14.34 9.82 3.73
N PHE D 127 -13.11 9.82 3.21
CA PHE D 127 -12.71 8.88 2.18
C PHE D 127 -11.46 8.14 2.62
N THR D 128 -11.66 7.04 3.34
CA THR D 128 -10.56 6.11 3.51
C THR D 128 -10.80 5.13 2.38
N PRO D 129 -10.02 5.18 1.28
CA PRO D 129 -10.56 5.55 -0.03
C PRO D 129 -12.04 5.24 -0.28
N SER D 130 -12.50 4.03 0.01
CA SER D 130 -13.91 3.82 0.24
C SER D 130 -14.50 4.93 1.11
N PRO D 131 -15.75 5.34 0.86
CA PRO D 131 -16.34 6.41 1.65
C PRO D 131 -16.99 5.90 2.93
N VAL D 132 -16.95 6.74 3.96
CA VAL D 132 -17.57 6.47 5.24
C VAL D 132 -18.30 7.71 5.71
N VAL D 133 -19.46 7.51 6.35
CA VAL D 133 -20.18 8.60 6.98
C VAL D 133 -19.57 8.85 8.35
N VAL D 134 -19.55 10.12 8.77
CA VAL D 134 -18.98 10.49 10.06
C VAL D 134 -20.08 11.00 10.98
N GLY D 135 -20.11 10.48 12.20
CA GLY D 135 -21.03 10.93 13.22
C GLY D 135 -20.50 12.11 13.99
N THR D 136 -21.03 12.30 15.19
CA THR D 136 -20.69 13.47 16.00
C THR D 136 -20.68 13.07 17.48
N THR D 137 -20.68 14.09 18.34
CA THR D 137 -20.71 13.98 19.79
C THR D 137 -20.94 15.36 20.37
N ASP D 138 -21.58 15.40 21.54
CA ASP D 138 -22.00 16.67 22.12
C ASP D 138 -20.80 17.53 22.53
N ILE D 139 -20.93 18.84 22.36
CA ILE D 139 -19.83 19.75 22.61
C ILE D 139 -19.78 20.27 24.05
N LYS D 140 -20.90 20.24 24.78
CA LYS D 140 -20.92 20.81 26.11
C LYS D 140 -20.00 20.05 27.06
N GLY D 141 -20.00 18.71 26.98
CA GLY D 141 -19.23 17.90 27.89
C GLY D 141 -17.73 18.05 27.76
N LYS D 142 -17.21 17.91 26.55
CA LYS D 142 -15.78 17.99 26.34
C LYS D 142 -15.30 19.44 26.39
N PRO D 143 -14.00 19.66 26.61
CA PRO D 143 -13.49 21.04 26.74
C PRO D 143 -13.36 21.79 25.42
N THR D 144 -13.99 21.29 24.34
CA THR D 144 -14.03 22.07 23.10
C THR D 144 -14.66 23.43 23.35
N TYR D 145 -15.70 23.48 24.18
CA TYR D 145 -16.15 24.69 24.87
C TYR D 145 -16.56 25.80 23.89
N ASN D 146 -17.67 25.53 23.20
CA ASN D 146 -18.49 26.59 22.60
C ASN D 146 -17.72 27.39 21.55
N TRP D 147 -17.39 26.70 20.45
CA TRP D 147 -16.80 27.38 19.30
C TRP D 147 -17.70 28.50 18.80
N GLY D 148 -19.00 28.24 18.68
CA GLY D 148 -19.93 29.26 18.23
C GLY D 148 -20.70 29.90 19.36
N GLU D 149 -22.00 29.60 19.45
CA GLU D 149 -22.80 30.05 20.59
C GLU D 149 -23.90 29.04 20.84
N ASN D 150 -23.94 28.48 22.05
CA ASN D 150 -24.91 27.48 22.49
C ASN D 150 -25.10 26.36 21.46
N GLU D 151 -24.08 26.11 20.65
CA GLU D 151 -24.14 25.06 19.64
C GLU D 151 -23.97 23.69 20.30
N THR D 152 -24.23 22.64 19.53
CA THR D 152 -24.17 21.28 20.02
C THR D 152 -23.71 20.35 18.91
N ASP D 153 -23.40 19.11 19.30
CA ASP D 153 -23.41 17.97 18.39
C ASP D 153 -22.43 18.17 17.23
N VAL D 154 -21.18 18.41 17.61
CA VAL D 154 -20.17 18.98 16.71
C VAL D 154 -19.34 17.88 16.06
N PHE D 155 -19.08 18.04 14.77
CA PHE D 155 -18.18 17.15 14.03
C PHE D 155 -16.72 17.42 14.40
N LEU D 156 -15.89 16.39 14.30
CA LEU D 156 -14.45 16.54 14.44
C LEU D 156 -13.75 15.48 13.60
N LEU D 157 -12.69 15.86 12.89
CA LEU D 157 -12.05 14.96 11.96
C LEU D 157 -10.62 14.60 12.38
N GLU D 158 -9.73 15.58 12.50
CA GLU D 158 -8.40 15.43 13.09
C GLU D 158 -7.73 14.11 12.70
N SER D 159 -7.51 13.95 11.40
CA SER D 159 -6.94 12.72 10.86
C SER D 159 -5.67 13.01 10.07
N LEU D 160 -4.69 12.12 10.20
CA LEU D 160 -3.47 12.16 9.41
C LEU D 160 -3.67 11.32 8.15
N ARG D 161 -2.57 10.99 7.47
CA ARG D 161 -2.66 10.15 6.29
C ARG D 161 -3.19 8.77 6.68
N PRO D 162 -4.06 8.18 5.88
CA PRO D 162 -4.77 6.95 6.29
C PRO D 162 -3.84 5.82 6.68
N PRO D 163 -2.65 5.67 6.08
CA PRO D 163 -1.70 4.69 6.62
C PRO D 163 -1.40 4.90 8.10
N SER D 164 -1.34 6.15 8.56
CA SER D 164 -1.20 6.47 9.97
C SER D 164 -2.48 7.04 10.58
N GLY D 165 -3.11 8.01 9.91
CA GLY D 165 -4.34 8.59 10.38
C GLY D 165 -5.55 7.73 10.07
N ARG D 166 -6.65 8.38 9.74
CA ARG D 166 -7.92 7.70 9.54
C ARG D 166 -8.50 7.83 8.14
N TRP D 167 -8.35 8.98 7.49
CA TRP D 167 -8.92 9.17 6.16
C TRP D 167 -8.14 10.23 5.42
N PHE D 168 -8.24 10.19 4.08
CA PHE D 168 -7.58 11.19 3.25
C PHE D 168 -8.23 12.55 3.40
N GLY D 169 -9.51 12.64 3.05
CA GLY D 169 -10.23 13.89 3.15
C GLY D 169 -11.72 13.65 3.28
N CYS D 170 -12.42 14.70 3.69
CA CYS D 170 -13.85 14.63 3.93
C CYS D 170 -14.54 15.81 3.26
N ALA D 171 -15.83 15.63 3.00
CA ALA D 171 -16.61 16.63 2.27
C ALA D 171 -18.04 16.66 2.79
N TRP D 172 -18.69 17.79 2.56
CA TRP D 172 -20.07 18.03 2.99
C TRP D 172 -20.55 19.30 2.29
N MET D 173 -21.75 19.74 2.67
CA MET D 173 -22.29 21.03 2.26
C MET D 173 -22.67 21.82 3.50
N ASN D 174 -22.28 23.09 3.52
CA ASN D 174 -22.60 23.89 4.70
C ASN D 174 -24.06 24.35 4.66
N SER D 175 -24.46 25.10 5.68
CA SER D 175 -25.88 25.37 5.91
C SER D 175 -26.51 26.07 4.72
N THR D 176 -25.79 27.00 4.09
CA THR D 176 -26.30 27.69 2.92
C THR D 176 -26.14 26.88 1.64
N GLY D 177 -25.80 25.60 1.74
CA GLY D 177 -25.76 24.70 0.60
C GLY D 177 -24.49 24.75 -0.20
N PHE D 178 -23.50 25.55 0.18
CA PHE D 178 -22.24 25.59 -0.52
C PHE D 178 -21.37 24.40 -0.12
N LEU D 179 -20.66 23.84 -1.09
CA LEU D 179 -19.79 22.70 -0.82
C LEU D 179 -18.63 23.13 0.06
N LYS D 180 -18.31 22.31 1.06
CA LYS D 180 -17.17 22.53 1.93
C LYS D 180 -16.46 21.21 2.15
N THR D 181 -15.14 21.20 1.95
CA THR D 181 -14.35 20.00 2.08
C THR D 181 -13.03 20.33 2.77
N CYS D 182 -12.40 19.29 3.29
CA CYS D 182 -11.09 19.40 3.91
C CYS D 182 -10.36 18.08 3.70
N GLY D 183 -9.08 18.05 4.08
CA GLY D 183 -8.32 16.82 3.96
C GLY D 183 -6.89 17.02 4.38
N ALA D 184 -6.10 15.96 4.18
CA ALA D 184 -4.70 16.00 4.51
C ALA D 184 -3.97 16.98 3.58
N PRO D 185 -2.85 17.54 4.02
CA PRO D 185 -2.11 18.48 3.17
C PRO D 185 -1.65 17.80 1.89
N PRO D 186 -1.74 18.50 0.76
CA PRO D 186 -1.28 17.92 -0.51
C PRO D 186 0.22 18.07 -0.71
N CYS D 187 0.72 17.68 -1.88
CA CYS D 187 2.14 17.69 -2.16
C CYS D 187 2.52 18.95 -2.94
N ASN D 188 3.64 19.55 -2.57
CA ASN D 188 4.26 20.61 -3.36
C ASN D 188 5.32 19.98 -4.25
N ILE D 189 5.26 20.30 -5.54
CA ILE D 189 6.11 19.66 -6.53
C ILE D 189 7.05 20.65 -7.20
N TYR D 190 7.29 21.80 -6.56
CA TYR D 190 8.21 22.78 -7.11
C TYR D 190 9.24 23.22 -6.07
N GLY D 191 8.86 23.18 -4.79
CA GLY D 191 9.77 23.60 -3.75
C GLY D 191 11.01 22.74 -3.67
N GLY D 192 10.85 21.43 -3.77
CA GLY D 192 11.96 20.51 -3.73
C GLY D 192 12.23 19.89 -5.09
N ASN D 198 1.11 32.56 -17.53
CA ASN D 198 -0.30 32.30 -17.80
C ASN D 198 -0.80 31.08 -17.04
N GLU D 199 0.08 30.08 -16.91
CA GLU D 199 -0.28 28.86 -16.21
C GLU D 199 -0.30 29.08 -14.71
N THR D 200 -0.65 28.03 -13.97
CA THR D 200 -0.74 28.07 -12.52
C THR D 200 -0.02 26.85 -11.94
N ASP D 201 0.35 26.96 -10.67
CA ASP D 201 1.09 25.92 -9.98
C ASP D 201 0.12 24.94 -9.34
N LEU D 202 -0.02 23.76 -9.93
CA LEU D 202 -0.85 22.70 -9.37
C LEU D 202 -0.28 22.25 -8.03
N PHE D 203 -1.16 22.13 -7.03
CA PHE D 203 -0.77 21.71 -5.70
C PHE D 203 -1.06 20.24 -5.42
N CYS D 204 -1.51 19.50 -6.43
CA CYS D 204 -1.62 18.04 -6.41
C CYS D 204 -2.41 17.51 -5.23
N PRO D 205 -3.74 17.66 -5.21
CA PRO D 205 -4.55 17.01 -4.18
C PRO D 205 -4.85 15.54 -4.46
N THR D 206 -4.34 15.00 -5.56
CA THR D 206 -4.66 13.63 -5.97
C THR D 206 -3.46 13.06 -6.69
N ASP D 207 -3.67 11.99 -7.45
CA ASP D 207 -2.61 11.31 -8.21
C ASP D 207 -2.31 12.12 -9.46
N CYS D 208 -1.35 13.04 -9.35
CA CYS D 208 -0.94 13.87 -10.48
C CYS D 208 0.26 13.25 -11.19
N PHE D 209 0.04 12.05 -11.72
CA PHE D 209 1.14 11.29 -12.32
C PHE D 209 1.73 12.00 -13.52
N ARG D 210 0.87 12.54 -14.39
CA ARG D 210 1.37 13.14 -15.63
C ARG D 210 2.17 14.41 -15.35
N LYS D 211 1.85 15.14 -14.30
CA LYS D 211 2.60 16.35 -13.96
C LYS D 211 3.70 16.10 -12.94
N HIS D 212 3.75 14.91 -12.34
CA HIS D 212 4.81 14.56 -11.41
C HIS D 212 4.87 13.04 -11.31
N PRO D 213 6.04 12.42 -11.49
CA PRO D 213 6.06 10.98 -11.77
C PRO D 213 5.67 10.12 -10.58
N GLU D 214 6.16 10.43 -9.38
CA GLU D 214 5.92 9.58 -8.21
C GLU D 214 4.92 10.21 -7.24
N ALA D 215 4.19 11.24 -7.66
CA ALA D 215 3.15 11.84 -6.83
C ALA D 215 1.90 10.95 -6.85
N THR D 216 2.02 9.81 -6.19
CA THR D 216 0.96 8.82 -6.16
C THR D 216 -0.16 9.27 -5.22
N TYR D 217 -1.30 8.58 -5.34
CA TYR D 217 -2.45 8.90 -4.50
C TYR D 217 -2.14 8.64 -3.03
N SER D 218 -1.43 7.55 -2.73
CA SER D 218 -1.13 7.22 -1.34
C SER D 218 -0.30 8.32 -0.69
N ARG D 219 0.72 8.81 -1.39
CA ARG D 219 1.54 9.89 -0.84
C ARG D 219 0.84 11.24 -0.92
N CYS D 220 0.19 11.54 -2.04
CA CYS D 220 -0.29 12.88 -2.32
C CYS D 220 -1.80 13.04 -2.28
N GLY D 221 -2.56 12.00 -2.61
CA GLY D 221 -4.00 12.11 -2.66
C GLY D 221 -4.64 12.55 -1.36
N ALA D 222 -5.57 13.49 -1.44
CA ALA D 222 -6.30 13.97 -0.26
C ALA D 222 -7.67 14.44 -0.74
N GLY D 223 -8.67 13.58 -0.61
CA GLY D 223 -10.00 13.89 -1.05
C GLY D 223 -10.60 12.79 -1.89
N PRO D 224 -11.84 13.00 -2.37
CA PRO D 224 -12.52 11.96 -3.14
C PRO D 224 -11.94 11.76 -4.53
N TRP D 225 -11.05 12.62 -5.00
CA TRP D 225 -10.54 12.51 -6.36
C TRP D 225 -9.34 11.58 -6.39
N LEU D 226 -9.42 10.56 -7.24
CA LEU D 226 -8.29 9.66 -7.49
C LEU D 226 -7.46 10.09 -8.69
N THR D 227 -8.11 10.40 -9.80
CA THR D 227 -7.47 10.91 -11.00
C THR D 227 -8.15 12.22 -11.40
N PRO D 228 -7.49 13.06 -12.18
CA PRO D 228 -8.16 14.27 -12.70
C PRO D 228 -9.39 13.96 -13.54
N ARG D 229 -9.61 12.70 -13.90
CA ARG D 229 -10.79 12.27 -14.64
C ARG D 229 -11.79 11.49 -13.82
N CYS D 230 -11.34 10.80 -12.77
CA CYS D 230 -12.18 9.86 -12.03
C CYS D 230 -12.18 10.18 -10.54
N MET D 231 -13.21 9.66 -9.87
CA MET D 231 -13.42 9.89 -8.45
C MET D 231 -14.13 8.68 -7.86
N VAL D 232 -14.09 8.57 -6.54
CA VAL D 232 -14.76 7.48 -5.83
C VAL D 232 -16.22 7.87 -5.60
N ASP D 233 -17.14 6.98 -5.96
CA ASP D 233 -18.56 7.26 -5.84
C ASP D 233 -19.07 6.94 -4.45
N TYR D 234 -20.21 7.53 -4.12
CA TYR D 234 -20.90 7.33 -2.86
C TYR D 234 -22.32 7.87 -3.00
N PRO D 235 -23.24 7.44 -2.12
CA PRO D 235 -24.66 7.77 -2.34
C PRO D 235 -24.94 9.26 -2.46
N TYR D 236 -24.14 10.11 -1.83
CA TYR D 236 -24.35 11.55 -1.86
C TYR D 236 -23.40 12.26 -2.82
N ARG D 237 -22.87 11.54 -3.80
CA ARG D 237 -22.00 12.16 -4.79
C ARG D 237 -22.73 13.24 -5.57
N LEU D 238 -23.95 12.93 -6.03
CA LEU D 238 -24.77 13.95 -6.66
C LEU D 238 -25.18 15.04 -5.67
N TRP D 239 -25.37 14.66 -4.41
CA TRP D 239 -25.73 15.63 -3.37
C TRP D 239 -24.67 16.70 -3.23
N HIS D 240 -23.40 16.30 -3.22
CA HIS D 240 -22.31 17.26 -3.07
C HIS D 240 -21.95 17.91 -4.40
N TYR D 241 -21.53 17.11 -5.38
CA TYR D 241 -21.08 17.62 -6.66
C TYR D 241 -22.19 17.41 -7.68
N PRO D 242 -22.82 18.47 -8.19
CA PRO D 242 -23.93 18.28 -9.14
C PRO D 242 -23.48 17.91 -10.55
N CYS D 243 -22.37 18.49 -11.01
CA CYS D 243 -21.99 18.38 -12.41
C CYS D 243 -21.45 17.01 -12.79
N THR D 244 -21.17 16.14 -11.83
CA THR D 244 -20.66 14.80 -12.12
C THR D 244 -21.76 13.78 -12.38
N VAL D 245 -22.96 14.23 -12.74
CA VAL D 245 -24.09 13.33 -12.91
C VAL D 245 -23.86 12.37 -14.07
N ASN D 246 -23.31 12.87 -15.18
CA ASN D 246 -23.18 12.08 -16.40
C ASN D 246 -21.98 11.15 -16.40
N PHE D 247 -21.40 10.87 -15.23
CA PHE D 247 -20.25 9.98 -15.16
C PHE D 247 -20.69 8.53 -15.37
N THR D 248 -19.69 7.66 -15.58
CA THR D 248 -19.91 6.22 -15.70
C THR D 248 -19.14 5.50 -14.62
N LEU D 249 -19.73 4.42 -14.11
CA LEU D 249 -19.23 3.75 -12.92
C LEU D 249 -18.31 2.59 -13.28
N PHE D 250 -17.36 2.30 -12.39
CA PHE D 250 -16.44 1.18 -12.50
C PHE D 250 -16.15 0.63 -11.12
N LYS D 251 -15.73 -0.64 -11.07
CA LYS D 251 -15.38 -1.29 -9.81
C LYS D 251 -13.87 -1.19 -9.59
N VAL D 252 -13.48 -0.84 -8.36
CA VAL D 252 -12.10 -0.49 -8.04
C VAL D 252 -11.65 -1.25 -6.79
N ARG D 253 -10.42 -1.75 -6.82
CA ARG D 253 -9.78 -2.41 -5.69
C ARG D 253 -8.48 -1.67 -5.40
N MET D 254 -8.35 -1.13 -4.18
CA MET D 254 -7.28 -0.20 -3.85
C MET D 254 -6.05 -0.84 -3.23
N PHE D 255 -6.22 -1.62 -2.16
CA PHE D 255 -5.09 -2.15 -1.37
C PHE D 255 -4.23 -1.02 -0.83
N VAL D 256 -4.82 -0.22 0.05
CA VAL D 256 -4.15 0.94 0.64
C VAL D 256 -3.68 0.58 2.04
N GLY D 257 -2.44 0.93 2.36
CA GLY D 257 -1.90 0.74 3.70
C GLY D 257 -1.88 -0.70 4.17
N GLY D 258 -1.77 -1.64 3.25
CA GLY D 258 -1.81 -3.06 3.57
C GLY D 258 -3.20 -3.65 3.61
N PHE D 259 -4.18 -2.89 4.09
CA PHE D 259 -5.55 -3.35 4.11
C PHE D 259 -6.14 -3.35 2.71
N GLU D 260 -7.26 -4.05 2.57
CA GLU D 260 -7.95 -4.19 1.29
C GLU D 260 -9.14 -3.23 1.25
N HIS D 261 -9.26 -2.47 0.16
CA HIS D 261 -10.34 -1.53 -0.03
C HIS D 261 -11.04 -1.80 -1.35
N ARG D 262 -12.37 -1.89 -1.31
CA ARG D 262 -13.18 -2.13 -2.49
C ARG D 262 -14.30 -1.11 -2.52
N PHE D 263 -14.55 -0.53 -3.70
CA PHE D 263 -15.60 0.47 -3.87
C PHE D 263 -15.85 0.64 -5.37
N THR D 264 -16.65 1.64 -5.72
CA THR D 264 -16.94 1.96 -7.10
C THR D 264 -16.46 3.37 -7.42
N ALA D 265 -16.11 3.60 -8.68
CA ALA D 265 -15.60 4.89 -9.11
C ALA D 265 -16.34 5.37 -10.34
N ALA D 266 -16.56 6.68 -10.40
CA ALA D 266 -17.15 7.35 -11.55
C ALA D 266 -16.06 8.10 -12.31
N CYS D 267 -16.32 8.38 -13.59
CA CYS D 267 -15.34 9.03 -14.44
C CYS D 267 -16.02 9.96 -15.43
N ASN D 268 -15.38 11.09 -15.70
CA ASN D 268 -15.85 12.03 -16.73
C ASN D 268 -15.43 11.50 -18.10
N TRP D 269 -16.06 10.41 -18.50
CA TRP D 269 -15.72 9.73 -19.74
C TRP D 269 -16.91 9.74 -20.69
N THR D 270 -16.63 10.08 -21.95
CA THR D 270 -17.60 9.98 -23.03
C THR D 270 -16.98 9.20 -24.17
N ARG D 271 -17.82 8.53 -24.95
CA ARG D 271 -17.33 7.78 -26.10
C ARG D 271 -16.76 8.73 -27.15
N GLY D 272 -15.57 8.40 -27.66
CA GLY D 272 -14.94 9.19 -28.69
C GLY D 272 -13.86 10.14 -28.23
N GLU D 273 -13.51 10.14 -26.94
CA GLU D 273 -12.47 11.04 -26.46
C GLU D 273 -11.10 10.57 -26.94
N ARG D 274 -10.29 11.51 -27.40
CA ARG D 274 -8.92 11.21 -27.80
C ARG D 274 -8.12 10.76 -26.58
N CYS D 275 -7.57 9.55 -26.64
CA CYS D 275 -6.87 8.97 -25.50
C CYS D 275 -5.65 8.18 -25.99
N ASN D 276 -4.85 8.79 -26.88
CA ASN D 276 -3.83 8.00 -27.56
C ASN D 276 -2.76 7.43 -26.63
N ILE D 277 -1.85 8.25 -26.11
CA ILE D 277 -0.92 7.75 -25.10
C ILE D 277 -0.75 8.75 -23.96
N GLU D 278 -0.95 10.04 -24.26
CA GLU D 278 -0.67 11.07 -23.27
C GLU D 278 -1.77 11.19 -22.22
N ASP D 279 -3.00 10.84 -22.57
CA ASP D 279 -4.13 10.98 -21.65
C ASP D 279 -4.32 9.71 -20.82
N ARG D 280 -3.24 9.25 -20.19
CA ARG D 280 -3.27 8.11 -19.29
C ARG D 280 -2.72 8.56 -17.94
N ASP D 281 -3.43 8.22 -16.88
CA ASP D 281 -3.07 8.64 -15.53
C ASP D 281 -2.82 7.41 -14.66
N ARG D 282 -1.76 7.46 -13.85
CA ARG D 282 -1.46 6.35 -12.98
C ARG D 282 -2.51 6.21 -11.89
N SER D 283 -2.87 4.97 -11.58
CA SER D 283 -3.75 4.67 -10.46
C SER D 283 -3.46 3.24 -10.03
N GLU D 284 -3.58 2.95 -8.75
CA GLU D 284 -3.24 1.63 -8.24
C GLU D 284 -4.49 0.80 -8.01
N GLN D 285 -4.79 -0.08 -8.96
CA GLN D 285 -5.80 -1.12 -8.77
C GLN D 285 -5.12 -2.46 -8.55
N HIS D 286 -5.91 -3.41 -8.09
CA HIS D 286 -5.51 -4.81 -8.03
C HIS D 286 -6.65 -5.65 -8.58
N PRO D 287 -6.33 -6.79 -9.21
CA PRO D 287 -7.38 -7.56 -9.89
C PRO D 287 -8.47 -8.02 -8.94
N LEU D 288 -9.72 -7.95 -9.43
CA LEU D 288 -10.86 -8.41 -8.65
C LEU D 288 -11.04 -9.92 -8.79
N LEU D 289 -10.95 -10.42 -10.01
CA LEU D 289 -11.03 -11.85 -10.27
C LEU D 289 -9.67 -12.52 -10.44
N HIS D 290 -8.64 -11.73 -10.76
CA HIS D 290 -7.24 -12.17 -10.85
C HIS D 290 -7.05 -13.10 -12.05
N SER D 291 -8.14 -13.46 -12.72
CA SER D 291 -8.10 -14.44 -13.80
C SER D 291 -8.52 -13.79 -15.11
N THR D 292 -8.58 -14.59 -16.17
CA THR D 292 -8.98 -14.18 -17.51
C THR D 292 -8.02 -13.14 -18.10
N THR D 293 -6.97 -12.81 -17.36
CA THR D 293 -5.90 -11.91 -17.80
C THR D 293 -6.38 -10.52 -18.18
N GLU D 294 -7.64 -10.20 -17.90
CA GLU D 294 -8.22 -8.89 -18.20
C GLU D 294 -8.47 -8.16 -16.89
N LEU D 295 -8.08 -6.89 -16.84
CA LEU D 295 -8.35 -6.05 -15.67
C LEU D 295 -9.23 -4.88 -16.09
N ALA D 296 -10.37 -4.73 -15.42
CA ALA D 296 -11.25 -3.59 -15.64
C ALA D 296 -10.68 -2.42 -14.86
N ILE D 297 -9.76 -1.70 -15.48
CA ILE D 297 -9.08 -0.59 -14.85
C ILE D 297 -9.76 0.71 -15.24
N LEU D 298 -9.40 1.79 -14.57
CA LEU D 298 -10.07 3.06 -14.78
C LEU D 298 -9.82 3.53 -16.22
N PRO D 299 -10.81 4.11 -16.88
CA PRO D 299 -10.62 4.54 -18.26
C PRO D 299 -9.57 5.65 -18.36
N CYS D 300 -8.86 5.66 -19.48
CA CYS D 300 -7.80 6.64 -19.74
C CYS D 300 -6.75 6.61 -18.62
N SER D 301 -6.40 5.41 -18.18
CA SER D 301 -5.49 5.26 -17.05
C SER D 301 -4.70 3.96 -17.22
N PHE D 302 -3.97 3.58 -16.18
CA PHE D 302 -3.21 2.35 -16.15
C PHE D 302 -2.91 2.02 -14.69
N THR D 303 -2.25 0.89 -14.47
CA THR D 303 -1.85 0.49 -13.14
C THR D 303 -0.41 0.03 -13.15
N PRO D 304 0.32 0.25 -12.04
CA PRO D 304 1.72 -0.20 -11.93
C PRO D 304 1.85 -1.66 -11.53
N MET D 305 1.09 -2.52 -12.20
CA MET D 305 1.15 -3.97 -11.98
C MET D 305 1.60 -4.64 -13.27
N PRO D 306 2.87 -5.06 -13.37
CA PRO D 306 3.37 -5.63 -14.63
C PRO D 306 2.67 -6.94 -14.97
N ALA D 307 2.83 -7.34 -16.22
CA ALA D 307 2.15 -8.52 -16.75
C ALA D 307 2.71 -9.79 -16.10
N LEU D 308 2.02 -10.90 -16.34
CA LEU D 308 2.36 -12.19 -15.74
C LEU D 308 3.74 -12.66 -16.19
N SER D 309 3.87 -12.97 -17.49
CA SER D 309 5.12 -13.51 -18.00
C SER D 309 6.19 -12.43 -18.13
N THR D 310 5.82 -11.26 -18.64
CA THR D 310 6.78 -10.19 -18.89
C THR D 310 6.35 -8.91 -18.19
N LEU D 311 7.04 -7.81 -18.52
CA LEU D 311 6.69 -6.49 -18.01
C LEU D 311 6.24 -5.62 -19.18
N GLY D 312 5.91 -4.36 -18.86
CA GLY D 312 5.43 -3.45 -19.88
C GLY D 312 3.92 -3.42 -19.92
N ILE D 313 3.33 -2.28 -19.56
CA ILE D 313 1.88 -2.17 -19.51
C ILE D 313 1.32 -2.31 -20.92
N HIS D 314 0.47 -3.30 -21.13
CA HIS D 314 -0.15 -3.55 -22.42
C HIS D 314 -1.58 -3.04 -22.39
N LEU D 315 -1.87 -2.07 -23.26
CA LEU D 315 -3.18 -1.43 -23.32
C LEU D 315 -3.67 -1.41 -24.76
N HIS D 316 -4.99 -1.48 -24.92
CA HIS D 316 -5.57 -1.62 -26.25
C HIS D 316 -5.69 -0.26 -26.94
N GLN D 317 -5.82 -0.31 -28.26
CA GLN D 317 -5.94 0.91 -29.06
C GLN D 317 -7.22 1.67 -28.73
N ASN D 318 -8.36 1.00 -28.90
CA ASN D 318 -9.65 1.68 -28.86
C ASN D 318 -10.35 1.58 -27.51
N ILE D 319 -10.24 0.45 -26.81
CA ILE D 319 -10.87 0.28 -25.50
C ILE D 319 -9.82 0.54 -24.43
N VAL D 320 -10.12 1.49 -23.54
CA VAL D 320 -9.13 1.98 -22.59
C VAL D 320 -9.31 1.39 -21.19
N ASP D 321 -10.49 0.86 -20.87
CA ASP D 321 -10.72 0.29 -19.54
C ASP D 321 -10.03 -1.04 -19.34
N VAL D 322 -9.43 -1.61 -20.38
CA VAL D 322 -8.84 -2.93 -20.32
C VAL D 322 -7.36 -2.81 -19.96
N GLN D 323 -6.92 -3.67 -19.06
CA GLN D 323 -5.50 -3.88 -18.77
C GLN D 323 -5.17 -5.32 -19.10
N TYR D 324 -4.17 -5.52 -19.95
CA TYR D 324 -3.85 -6.83 -20.49
C TYR D 324 -2.79 -7.53 -19.64
N LEU D 325 -2.92 -8.85 -19.54
CA LEU D 325 -1.88 -9.70 -19.03
C LEU D 325 -1.42 -10.63 -20.15
N TYR D 326 -0.58 -11.61 -19.80
CA TYR D 326 -0.01 -12.59 -20.73
C TYR D 326 0.50 -11.92 -22.01
N GLY D 327 1.35 -10.92 -21.80
CA GLY D 327 1.94 -10.18 -22.91
C GLY D 327 2.82 -11.02 -23.81
C1 NAG E . 34.50 -20.65 19.62
C2 NAG E . 35.75 -21.53 19.49
C3 NAG E . 36.09 -22.16 20.84
C4 NAG E . 36.20 -21.10 21.92
C5 NAG E . 34.94 -20.23 21.94
C6 NAG E . 35.03 -19.08 22.90
C7 NAG E . 35.76 -22.38 17.19
C8 NAG E . 35.50 -23.56 16.30
N2 NAG E . 35.54 -22.57 18.49
O3 NAG E . 37.31 -22.88 20.74
O4 NAG E . 36.36 -21.70 23.19
O5 NAG E . 34.72 -19.67 20.64
O6 NAG E . 34.99 -19.52 24.26
O7 NAG E . 36.16 -21.30 16.74
C1 NAG E . 37.69 -21.43 23.69
C2 NAG E . 37.73 -21.70 25.19
C3 NAG E . 39.13 -21.46 25.73
C4 NAG E . 40.15 -22.27 24.94
C5 NAG E . 40.01 -21.99 23.45
C6 NAG E . 40.90 -22.85 22.60
C7 NAG E . 35.99 -21.32 26.88
C8 NAG E . 35.06 -20.33 27.50
N2 NAG E . 36.76 -20.87 25.90
O3 NAG E . 39.17 -21.84 27.11
O4 NAG E . 41.46 -21.95 25.36
O5 NAG E . 38.66 -22.24 23.02
O6 NAG E . 40.21 -23.35 21.45
O7 NAG E . 36.04 -22.48 27.27
C1 NAG F . 1.62 -35.34 5.28
C2 NAG F . 2.52 -35.55 6.48
C3 NAG F . 1.86 -36.49 7.48
C4 NAG F . 0.44 -36.01 7.82
C5 NAG F . -0.35 -35.72 6.55
C6 NAG F . -1.68 -35.05 6.83
C7 NAG F . 4.84 -35.27 5.72
C8 NAG F . 6.11 -35.98 5.34
N2 NAG F . 3.82 -36.06 6.08
O3 NAG F . 2.64 -36.54 8.66
O4 NAG F . -0.25 -36.99 8.59
O5 NAG F . 0.37 -34.83 5.69
O6 NAG F . -1.54 -33.64 6.88
O7 NAG F . 4.74 -34.05 5.70
C1 NAG F . 0.11 -38.36 8.26
C2 NAG F . -0.50 -39.28 9.32
C3 NAG F . -0.16 -40.74 9.00
C4 NAG F . -0.57 -41.09 7.58
C5 NAG F . 0.03 -40.09 6.59
C6 NAG F . -0.43 -40.30 5.17
C7 NAG F . -0.79 -39.08 11.75
C8 NAG F . -0.17 -38.66 13.04
N2 NAG F . -0.05 -38.92 10.65
O3 NAG F . -0.83 -41.59 9.93
O4 NAG F . -0.11 -42.39 7.25
O5 NAG F . -0.36 -38.75 6.95
O6 NAG F . -1.19 -41.50 5.05
O7 NAG F . -1.92 -39.56 11.70
C1 NAG G . -9.49 -26.84 15.52
C2 NAG G . -8.81 -25.67 16.27
C3 NAG G . -9.67 -25.14 17.43
C4 NAG G . -10.17 -26.25 18.36
C5 NAG G . -10.10 -27.61 17.68
C6 NAG G . -11.05 -28.62 18.28
C7 NAG G . -6.56 -25.14 17.10
C8 NAG G . -5.24 -25.70 17.54
N2 NAG G . -7.48 -26.03 16.73
O3 NAG G . -10.79 -24.43 16.90
O4 NAG G . -9.50 -26.22 19.63
O5 NAG G . -10.50 -27.42 16.32
O6 NAG G . -12.06 -28.98 17.35
O7 NAG G . -6.78 -23.93 17.08
C1 NAG G . -8.25 -26.94 19.72
C2 NAG G . -7.36 -26.15 20.68
C3 NAG G . -6.03 -26.88 20.88
C4 NAG G . -6.27 -28.32 21.31
C5 NAG G . -7.21 -29.02 20.32
C6 NAG G . -7.58 -30.41 20.75
C7 NAG G . -7.02 -23.74 21.02
C8 NAG G . -6.79 -22.42 20.35
N2 NAG G . -7.14 -24.80 20.20
O3 NAG G . -5.26 -26.21 21.86
O4 NAG G . -5.03 -29.02 21.36
O5 NAG G . -8.42 -28.27 20.21
O6 NAG G . -7.47 -30.57 22.15
O7 NAG G . -7.09 -23.86 22.24
C1 NAG H . -9.98 -10.20 24.82
C2 NAG H . -9.97 -8.70 24.52
C3 NAG H . -9.12 -7.96 25.55
C4 NAG H . -9.59 -8.30 26.96
C5 NAG H . -9.62 -9.82 27.15
C6 NAG H . -10.18 -10.24 28.48
C7 NAG H . -10.13 -7.63 22.31
C8 NAG H . -11.40 -7.00 22.80
N2 NAG H . -9.50 -8.43 23.17
O3 NAG H . -9.22 -6.57 25.31
O4 NAG H . -8.69 -7.74 27.91
O5 NAG H . -10.44 -10.43 26.14
O6 NAG H . -10.97 -9.21 29.06
O7 NAG H . -9.70 -7.43 21.17
C1 NAG H . -9.22 -6.51 28.44
C2 NAG H . -8.48 -6.16 29.73
C3 NAG H . -8.94 -4.79 30.25
C4 NAG H . -8.83 -3.74 29.16
C5 NAG H . -9.59 -4.19 27.92
C6 NAG H . -9.46 -3.24 26.76
C7 NAG H . -8.02 -8.35 30.74
C8 NAG H . -8.36 -9.27 31.87
N2 NAG H . -8.68 -7.17 30.74
O3 NAG H . -8.13 -4.42 31.36
O4 NAG H . -9.37 -2.50 29.62
O5 NAG H . -9.06 -5.45 27.48
O6 NAG H . -9.17 -1.91 27.20
O7 NAG H . -7.19 -8.63 29.88
C1 NAG I . 40.38 -11.21 17.68
C2 NAG I . 41.48 -10.46 16.95
C3 NAG I . 42.84 -10.95 17.43
C4 NAG I . 42.95 -10.80 18.93
C5 NAG I . 41.77 -11.50 19.63
C6 NAG I . 41.73 -11.25 21.11
C7 NAG I . 41.94 -9.77 14.64
C8 NAG I . 41.67 -10.02 13.20
N2 NAG I . 41.34 -10.59 15.51
O3 NAG I . 43.86 -10.20 16.78
O4 NAG I . 44.18 -11.36 19.41
O5 NAG I . 40.53 -11.03 19.09
O6 NAG I . 40.69 -10.35 21.46
O7 NAG I . 42.68 -8.86 15.02
C1 NAG I . 45.13 -10.31 19.64
C2 NAG I . 46.31 -10.89 20.43
C3 NAG I . 47.39 -9.81 20.62
C4 NAG I . 47.78 -9.20 19.29
C5 NAG I . 46.56 -8.69 18.55
C6 NAG I . 46.86 -8.18 17.17
C7 NAG I . 45.47 -12.67 21.88
C8 NAG I . 45.05 -13.04 23.27
N2 NAG I . 45.87 -11.41 21.70
O3 NAG I . 48.53 -10.40 21.26
O4 NAG I . 48.70 -8.13 19.49
O5 NAG I . 45.60 -9.76 18.40
O6 NAG I . 46.53 -9.14 16.18
O7 NAG I . 45.44 -13.48 20.96
C1 NAG J . -33.20 25.33 -15.65
C2 NAG J . -34.59 25.49 -16.26
C3 NAG J . -34.65 26.76 -17.12
C4 NAG J . -34.15 27.96 -16.34
C5 NAG J . -32.80 27.68 -15.70
C6 NAG J . -32.34 28.79 -14.77
C7 NAG J . -35.55 23.25 -16.52
C8 NAG J . -35.85 22.13 -17.48
N2 NAG J . -34.96 24.32 -17.05
O3 NAG J . -35.98 26.97 -17.56
O4 NAG J . -34.01 29.07 -17.22
O5 NAG J . -32.88 26.49 -14.90
O6 NAG J . -31.88 29.91 -15.51
O7 NAG J . -35.82 23.18 -15.33
C1 NAG J . -34.95 30.11 -16.87
C2 NAG J . -34.59 31.35 -17.68
C3 NAG J . -35.82 31.90 -18.40
C4 NAG J . -37.04 31.97 -17.48
C5 NAG J . -37.23 30.66 -16.73
C6 NAG J . -38.60 30.06 -16.96
C7 NAG J . -32.73 32.77 -16.94
C8 NAG J . -31.91 32.10 -18.00
N2 NAG J . -34.00 32.37 -16.83
O3 NAG J . -36.12 31.07 -19.53
O4 NAG J . -36.87 33.03 -16.55
O5 NAG J . -36.27 29.70 -17.18
O6 NAG J . -38.49 28.67 -17.31
O7 NAG J . -32.26 33.63 -16.21
C1 NAG K . -11.15 -0.43 -34.15
C2 NAG K . -11.77 0.91 -34.47
C3 NAG K . -11.21 1.45 -35.79
C4 NAG K . -9.69 1.44 -35.78
C5 NAG K . -9.14 0.08 -35.32
C6 NAG K . -7.65 0.09 -35.09
C7 NAG K . -14.01 0.92 -33.46
C8 NAG K . -15.48 0.80 -33.71
N2 NAG K . -13.22 0.82 -34.53
O3 NAG K . -11.68 2.79 -35.98
O4 NAG K . -9.15 1.74 -37.06
O5 NAG K . -9.74 -0.30 -34.08
O6 NAG K . -7.34 0.37 -33.73
O7 NAG K . -13.55 1.09 -32.33
C1 NAG K . -9.98 1.25 -38.15
C2 NAG K . -9.48 1.87 -39.46
C3 NAG K . -10.31 1.37 -40.63
C4 NAG K . -10.35 -0.15 -40.66
C5 NAG K . -10.81 -0.69 -39.31
C6 NAG K . -10.74 -2.21 -39.22
C7 NAG K . -8.64 4.10 -40.03
C8 NAG K . -8.81 5.58 -39.85
N2 NAG K . -9.51 3.33 -39.39
O3 NAG K . -9.77 1.87 -41.85
O4 NAG K . -11.24 -0.60 -41.67
O5 NAG K . -9.95 -0.19 -38.26
O6 NAG K . -10.76 -2.80 -40.51
O7 NAG K . -7.75 3.63 -40.73
C1 NAG L . 4.28 7.00 -31.26
C2 NAG L . 4.20 8.15 -30.22
C3 NAG L . 5.44 9.06 -30.26
C4 NAG L . 5.80 9.53 -31.68
C5 NAG L . 5.18 8.62 -32.71
C6 NAG L . 5.93 8.63 -34.03
C7 NAG L . 2.50 9.77 -29.47
C8 NAG L . 1.22 10.48 -29.84
N2 NAG L . 2.98 8.93 -30.40
O3 NAG L . 6.54 8.38 -29.69
O4 NAG L . 5.48 10.91 -31.88
O5 NAG L . 5.28 7.28 -32.21
O6 NAG L . 6.38 7.33 -34.39
O7 NAG L . 3.06 9.96 -28.41
C1 NAG L . 4.15 11.23 -32.33
C2 NAG L . 3.79 12.58 -31.72
C3 NAG L . 2.40 13.02 -32.19
C4 NAG L . 2.33 13.00 -33.71
C5 NAG L . 2.75 11.63 -34.24
C6 NAG L . 2.82 11.58 -35.75
C7 NAG L . 4.21 13.58 -29.52
C8 NAG L . 4.22 13.35 -28.04
N2 NAG L . 3.85 12.54 -30.27
O3 NAG L . 2.13 14.33 -31.70
O4 NAG L . 1.01 13.29 -34.14
O5 NAG L . 4.06 11.30 -33.75
O6 NAG L . 2.83 12.89 -36.31
O7 NAG L . 4.53 14.65 -30.02
C1 NAG M . 12.13 18.45 -18.52
C2 NAG M . 12.50 18.46 -17.04
C3 NAG M . 12.21 19.83 -16.43
C4 NAG M . 12.89 20.92 -17.24
C5 NAG M . 12.51 20.81 -18.71
C6 NAG M . 13.24 21.79 -19.60
C7 NAG M . 12.41 16.58 -15.46
C8 NAG M . 13.88 16.76 -15.29
N2 NAG M . 11.80 17.41 -16.31
O3 NAG M . 12.66 19.85 -15.08
O4 NAG M . 12.47 22.21 -16.77
O5 NAG M . 12.83 19.50 -19.19
O6 NAG M . 14.43 22.26 -18.98
O7 NAG M . 11.78 15.70 -14.86
C1 NAG M . 13.47 22.76 -15.88
C2 NAG M . 13.24 24.27 -15.74
C3 NAG M . 14.20 24.86 -14.72
C4 NAG M . 14.13 24.10 -13.40
C5 NAG M . 14.36 22.61 -13.65
C6 NAG M . 14.22 21.77 -12.41
C7 NAG M . 12.42 24.94 -17.96
C8 NAG M . 12.76 25.68 -19.22
N2 NAG M . 13.38 24.93 -17.02
O3 NAG M . 13.87 26.23 -14.50
O4 NAG M . 15.12 24.59 -12.50
O5 NAG M . 13.39 22.14 -14.59
O6 NAG M . 14.53 22.52 -11.24
O7 NAG M . 11.36 24.36 -17.81
C1 NAG N . -35.06 27.41 -5.14
C2 NAG N . -36.19 26.76 -4.37
C3 NAG N . -37.43 27.64 -4.41
C4 NAG N . -37.10 29.06 -3.96
C5 NAG N . -35.86 29.60 -4.67
C6 NAG N . -35.37 30.92 -4.11
C7 NAG N . -36.64 24.35 -4.14
C8 NAG N . -36.47 24.54 -2.65
N2 NAG N . -36.50 25.43 -4.90
O3 NAG N . -38.44 27.09 -3.58
O4 NAG N . -38.19 29.92 -4.28
O5 NAG N . -34.77 28.67 -4.56
O6 NAG N . -34.46 31.55 -4.99
O7 NAG N . -36.89 23.24 -4.62
C1 NAG N . -39.01 30.23 -3.13
C2 NAG N . -40.23 30.99 -3.65
C3 NAG N . -41.18 31.31 -2.50
C4 NAG N . -41.53 30.04 -1.73
C5 NAG N . -40.26 29.33 -1.30
C6 NAG N . -40.52 28.00 -0.63
C7 NAG N . -39.64 32.26 -5.67
C8 NAG N . -39.24 33.60 -6.21
N2 NAG N . -39.84 32.20 -4.35
O3 NAG N . -42.36 31.91 -3.01
O4 NAG N . -42.31 30.36 -0.59
O5 NAG N . -39.43 29.06 -2.43
O6 NAG N . -41.54 27.26 -1.32
O7 NAG N . -39.77 31.28 -6.38
C1 NAG O . 29.13 1.36 20.66
C2 NAG O . 29.79 2.35 21.60
C3 NAG O . 29.95 1.75 22.99
C4 NAG O . 28.60 1.27 23.50
C5 NAG O . 27.99 0.29 22.51
C6 NAG O . 26.60 -0.17 22.89
C7 NAG O . 31.24 3.91 20.38
C8 NAG O . 32.63 4.22 19.92
N2 NAG O . 31.08 2.79 21.08
O3 NAG O . 30.48 2.74 23.87
O4 NAG O . 28.75 0.63 24.77
O5 NAG O . 27.88 0.92 21.22
O6 NAG O . 25.90 0.84 23.59
O7 NAG O . 30.29 4.66 20.12
C1 NAG O . 28.24 1.52 25.79
C2 NAG O . 28.22 0.77 27.12
C3 NAG O . 27.74 1.70 28.23
C4 NAG O . 28.57 2.99 28.26
C5 NAG O . 28.59 3.63 26.88
C6 NAG O . 29.51 4.83 26.81
C7 NAG O . 27.81 -1.59 26.60
C8 NAG O . 26.80 -2.70 26.59
N2 NAG O . 27.38 -0.40 27.04
O3 NAG O . 27.83 1.03 29.48
O4 NAG O . 28.01 3.91 29.19
O5 NAG O . 29.07 2.69 25.90
O6 NAG O . 30.64 4.56 25.97
O7 NAG O . 28.96 -1.75 26.22
C1 BMA O . 28.90 4.05 30.33
C2 BMA O . 28.47 5.31 31.13
C3 BMA O . 27.12 5.10 31.85
C4 BMA O . 26.85 3.61 32.11
C5 BMA O . 28.17 2.89 32.38
C6 BMA O . 27.99 1.48 32.88
O2 BMA O . 28.28 6.43 30.25
O3 BMA O . 26.04 5.70 31.14
O4 BMA O . 25.99 3.47 33.25
O5 BMA O . 28.91 2.84 31.13
O6 BMA O . 27.08 1.50 33.97
C1 NAG P . 23.49 -23.95 12.16
C2 NAG P . 23.81 -23.77 13.65
C3 NAG P . 25.15 -24.40 13.98
C4 NAG P . 25.20 -25.85 13.51
C5 NAG P . 24.81 -25.94 12.04
C6 NAG P . 24.69 -27.37 11.56
C7 NAG P . 22.73 -21.76 14.58
C8 NAG P . 22.90 -20.31 14.90
N2 NAG P . 23.80 -22.37 14.02
O3 NAG P . 25.37 -24.34 15.39
O4 NAG P . 26.52 -26.37 13.68
O5 NAG P . 23.53 -25.34 11.84
O6 NAG P . 24.05 -28.20 12.52
O7 NAG P . 21.70 -22.37 14.80
C1 NAG P . 26.52 -27.31 14.77
C2 NAG P . 27.89 -27.99 14.82
C3 NAG P . 27.95 -28.95 16.00
C4 NAG P . 27.59 -28.23 17.29
C5 NAG P . 26.23 -27.55 17.16
C6 NAG P . 25.86 -26.71 18.36
C7 NAG P . 28.77 -28.11 12.53
C8 NAG P . 28.99 -28.98 11.33
N2 NAG P . 28.17 -28.69 13.57
O3 NAG P . 29.27 -29.50 16.10
O4 NAG P . 27.55 -29.15 18.38
O5 NAG P . 26.26 -26.66 16.02
O6 NAG P . 26.98 -25.99 18.85
O7 NAG P . 29.13 -26.93 12.56
C1 BMA P . 28.65 -28.86 19.28
C2 BMA P . 28.59 -29.88 20.45
C3 BMA P . 29.83 -29.72 21.33
C4 BMA P . 31.13 -29.72 20.49
C5 BMA P . 31.03 -28.64 19.40
C6 BMA P . 32.25 -28.60 18.50
O2 BMA P . 28.59 -31.20 19.97
O3 BMA P . 29.90 -30.74 22.32
O4 BMA P . 32.24 -29.45 21.32
O5 BMA P . 29.89 -28.94 18.58
O6 BMA P . 32.19 -29.71 17.61
C1 NAG Q . 14.75 -19.43 16.31
C2 NAG Q . 15.60 -18.60 17.28
C3 NAG Q . 16.09 -19.47 18.43
C4 NAG Q . 14.93 -20.18 19.10
C5 NAG Q . 14.13 -20.96 18.06
C6 NAG Q . 12.89 -21.62 18.62
C7 NAG Q . 16.62 -16.83 15.91
C8 NAG Q . 17.87 -16.34 15.25
N2 NAG Q . 16.72 -17.98 16.59
O3 NAG Q . 16.77 -18.65 19.38
O4 NAG Q . 15.41 -21.07 20.10
O5 NAG Q . 13.69 -20.06 17.03
O6 NAG Q . 12.18 -20.74 19.47
O7 NAG Q . 15.56 -16.22 15.82
C1 NAG Q . 14.85 -20.68 21.38
C2 NAG Q . 14.93 -21.86 22.34
C3 NAG Q . 14.36 -21.48 23.70
C4 NAG Q . 15.01 -20.22 24.23
C5 NAG Q . 15.00 -19.11 23.17
C6 NAG Q . 15.80 -17.89 23.57
C7 NAG Q . 14.78 -23.88 20.94
C8 NAG Q . 13.92 -25.02 20.49
N2 NAG Q . 14.23 -23.03 21.80
O3 NAG Q . 14.57 -22.55 24.62
O4 NAG Q . 14.30 -19.75 25.37
O5 NAG Q . 15.56 -19.57 21.94
O6 NAG Q . 17.01 -18.27 24.21
O7 NAG Q . 15.95 -23.74 20.54
C1 BMA Q . 15.12 -19.81 26.55
C2 BMA Q . 14.39 -18.98 27.64
C3 BMA Q . 15.07 -19.13 29.00
C4 BMA Q . 15.35 -20.61 29.32
C5 BMA Q . 16.14 -21.25 28.17
C6 BMA Q . 16.45 -22.72 28.40
O2 BMA Q . 13.05 -19.44 27.81
O3 BMA Q . 14.31 -18.55 30.04
O4 BMA Q . 16.10 -20.71 30.52
O5 BMA Q . 15.35 -21.14 26.98
O6 BMA Q . 15.23 -23.45 28.31
C1 NAG R . -23.16 -12.67 20.53
C2 NAG R . -22.54 -14.08 20.53
C3 NAG R . -23.63 -15.14 20.58
C4 NAG R . -24.75 -14.69 21.52
C5 NAG R . -25.43 -13.45 20.94
C6 NAG R . -25.87 -12.47 22.00
C7 NAG R . -20.36 -14.36 19.42
C8 NAG R . -19.76 -14.25 20.78
N2 NAG R . -21.70 -14.27 19.36
O3 NAG R . -23.09 -16.37 21.02
O4 NAG R . -25.70 -15.73 21.67
O5 NAG R . -24.53 -12.74 20.07
O6 NAG R . -27.17 -12.78 22.49
O7 NAG R . -19.68 -14.52 18.42
C1 NAG R . -26.00 -15.86 23.07
C2 NAG R . -27.19 -16.81 23.26
C3 NAG R . -27.47 -16.99 24.75
C4 NAG R . -26.22 -17.39 25.51
C5 NAG R . -25.07 -16.44 25.19
C6 NAG R . -23.75 -16.88 25.79
C7 NAG R . -28.55 -16.45 21.25
C8 NAG R . -29.83 -15.89 20.71
N2 NAG R . -28.36 -16.32 22.57
O3 NAG R . -28.48 -17.99 24.92
O4 NAG R . -26.47 -17.30 26.91
O5 NAG R . -24.86 -16.37 23.77
O6 NAG R . -23.14 -15.83 26.54
O7 NAG R . -27.71 -16.99 20.53
C1 BMA R . -26.58 -18.62 27.51
C2 BMA R . -27.86 -18.59 28.40
C3 BMA R . -28.13 -19.99 28.96
C4 BMA R . -28.08 -21.06 27.87
C5 BMA R . -26.74 -20.96 27.10
C6 BMA R . -26.64 -21.98 25.99
O2 BMA R . -29.00 -18.23 27.64
O3 BMA R . -29.38 -20.04 29.63
O4 BMA R . -28.20 -22.35 28.44
O5 BMA R . -26.65 -19.64 26.53
O6 BMA R . -27.59 -21.65 24.99
C1 NAG S . -21.15 28.46 3.19
C2 NAG S . -21.20 29.70 4.09
C3 NAG S . -21.22 30.96 3.24
C4 NAG S . -20.03 30.97 2.28
C5 NAG S . -20.03 29.68 1.45
C6 NAG S . -18.82 29.57 0.56
C7 NAG S . -22.27 29.32 6.26
C8 NAG S . -23.55 29.35 7.03
N2 NAG S . -22.35 29.66 4.98
O3 NAG S . -21.16 32.10 4.10
O4 NAG S . -20.12 32.09 1.41
O5 NAG S . -20.02 28.54 2.33
O6 NAG S . -17.68 30.18 1.13
O7 NAG S . -21.20 29.02 6.79
C1 NAG S . -19.12 33.06 1.79
C2 NAG S . -19.05 34.13 0.70
C3 NAG S . -18.04 35.21 1.09
C4 NAG S . -18.36 35.77 2.46
C5 NAG S . -18.47 34.63 3.48
C6 NAG S . -18.91 35.10 4.85
C7 NAG S . -19.62 33.07 -1.44
C8 NAG S . -19.09 32.50 -2.71
N2 NAG S . -18.71 33.55 -0.59
O3 NAG S . -18.07 36.25 0.12
O4 NAG S . -17.33 36.66 2.87
O5 NAG S . -19.44 33.67 3.04
O6 NAG S . -20.28 34.80 5.08
O7 NAG S . -20.82 33.09 -1.19
C1 BMA S . -17.84 38.01 2.90
C2 BMA S . -16.88 38.88 3.78
C3 BMA S . -15.52 39.12 3.06
C4 BMA S . -15.65 39.02 1.54
C5 BMA S . -17.03 39.50 1.11
C6 BMA S . -17.17 39.66 -0.39
O2 BMA S . -16.58 38.22 5.00
O3 BMA S . -14.51 38.25 3.55
O4 BMA S . -14.64 39.81 0.91
O5 BMA S . -18.01 38.53 1.56
O6 BMA S . -16.11 40.48 -0.85
C1 NAG T . -25.92 14.66 -19.52
C2 NAG T . -25.80 16.17 -19.61
C3 NAG T . -27.13 16.80 -20.01
C4 NAG T . -27.68 16.14 -21.26
C5 NAG T . -27.72 14.62 -21.10
C6 NAG T . -28.13 13.89 -22.35
C7 NAG T . -24.04 16.88 -18.04
C8 NAG T . -23.74 17.47 -16.70
N2 NAG T . -25.34 16.73 -18.34
O3 NAG T . -26.94 18.19 -20.25
O4 NAG T . -29.01 16.60 -21.50
O5 NAG T . -26.41 14.14 -20.76
O6 NAG T . -27.56 14.50 -23.51
O7 NAG T . -23.15 16.55 -18.81
C1 NAG T . -29.01 17.44 -22.67
C2 NAG T . -30.47 17.76 -23.03
C3 NAG T . -30.51 18.70 -24.23
C4 NAG T . -29.67 19.94 -23.97
C5 NAG T . -28.25 19.54 -23.58
C6 NAG T . -27.39 20.72 -23.18
C7 NAG T . -31.87 15.87 -22.34
C8 NAG T . -32.59 14.64 -22.79
N2 NAG T . -31.22 16.54 -23.29
O3 NAG T . -31.86 19.07 -24.49
O4 NAG T . -29.62 20.75 -25.14
O5 NAG T . -28.30 18.67 -22.44
O6 NAG T . -28.12 21.66 -22.42
O7 NAG T . -31.88 16.24 -21.17
C1 BMA T . -30.36 21.97 -24.89
C2 BMA T . -30.30 22.84 -26.17
C3 BMA T . -31.21 24.06 -26.02
C4 BMA T . -32.61 23.66 -25.52
C5 BMA T . -32.49 22.84 -24.24
C6 BMA T . -33.83 22.37 -23.70
O2 BMA T . -30.77 22.11 -27.29
O3 BMA T . -31.31 24.79 -27.24
O4 BMA T . -33.39 24.82 -25.27
O5 BMA T . -31.70 21.67 -24.53
O6 BMA T . -34.29 21.30 -24.52
C1 NAG U . -15.56 16.51 -18.63
C2 NAG U . -15.84 17.83 -17.89
C3 NAG U . -16.28 18.91 -18.88
C4 NAG U . -15.27 19.04 -20.01
C5 NAG U . -15.03 17.68 -20.66
C6 NAG U . -13.95 17.71 -21.72
C7 NAG U . -16.57 17.16 -15.64
C8 NAG U . -17.73 17.02 -14.71
N2 NAG U . -16.84 17.64 -16.86
O3 NAG U . -16.41 20.15 -18.20
O4 NAG U . -15.74 19.96 -20.98
O5 NAG U . -14.59 16.74 -19.66
O6 NAG U . -12.81 18.43 -21.28
O7 NAG U . -15.43 16.84 -15.32
C1 NAG U . -14.80 21.05 -21.10
C2 NAG U . -15.01 21.74 -22.44
C3 NAG U . -14.04 22.91 -22.59
C4 NAG U . -14.13 23.84 -21.39
C5 NAG U . -14.02 23.06 -20.08
C6 NAG U . -14.27 23.92 -18.86
C7 NAG U . -15.84 20.03 -23.99
C8 NAG U . -15.50 19.12 -25.14
N2 NAG U . -14.85 20.81 -23.55
O3 NAG U . -14.34 23.63 -23.78
O4 NAG U . -13.05 24.78 -21.44
O5 NAG U . -14.98 22.00 -20.04
O6 NAG U . -15.31 24.86 -19.11
O7 NAG U . -16.96 20.05 -23.49
C1 BMA U . -13.55 26.11 -21.66
C2 BMA U . -12.39 27.09 -21.33
C3 BMA U . -12.76 28.52 -21.73
C4 BMA U . -13.33 28.58 -23.15
C5 BMA U . -14.49 27.60 -23.29
C6 BMA U . -15.10 27.59 -24.67
O2 BMA U . -11.22 26.75 -22.06
O3 BMA U . -11.64 29.40 -21.60
O4 BMA U . -13.76 29.89 -23.45
O5 BMA U . -14.01 26.29 -22.99
O6 BMA U . -14.16 27.01 -25.57
C1 NAG V . 22.64 9.45 -22.99
C2 NAG V . 21.59 9.75 -24.06
C3 NAG V . 22.13 9.40 -25.44
C4 NAG V . 23.44 10.13 -25.67
C5 NAG V . 24.46 9.72 -24.60
C6 NAG V . 25.06 10.90 -23.87
C7 NAG V . 19.18 9.62 -23.62
C8 NAG V . 19.17 11.12 -23.69
N2 NAG V . 20.35 9.02 -23.79
O3 NAG V . 21.18 9.78 -26.42
O4 NAG V . 23.96 9.80 -26.95
O5 NAG V . 23.83 8.90 -23.60
O6 NAG V . 26.16 11.44 -24.60
O7 NAG V . 18.15 8.98 -23.39
C1 NAG V . 24.61 10.98 -27.48
C2 NAG V . 25.50 10.59 -28.66
C3 NAG V . 26.14 11.84 -29.27
C4 NAG V . 25.10 12.91 -29.57
C5 NAG V . 24.21 13.16 -28.35
C6 NAG V . 23.06 14.10 -28.63
C7 NAG V . 26.26 8.33 -28.06
C8 NAG V . 27.44 7.50 -27.66
N2 NAG V . 26.51 9.63 -28.27
O3 NAG V . 26.84 11.49 -30.46
O4 NAG V . 25.76 14.13 -29.89
O5 NAG V . 23.64 11.93 -27.89
O6 NAG V . 23.46 15.46 -28.50
O7 NAG V . 25.14 7.85 -28.18
C1 BMA V . 25.57 14.47 -31.29
C2 BMA V . 26.96 14.86 -31.85
C3 BMA V . 26.87 15.12 -33.35
C4 BMA V . 26.14 13.97 -34.08
C5 BMA V . 24.77 13.73 -33.41
C6 BMA V . 24.00 12.59 -34.05
O2 BMA V . 27.89 13.80 -31.66
O3 BMA V . 28.16 15.30 -33.92
O4 BMA V . 25.94 14.32 -35.44
O5 BMA V . 25.00 13.40 -32.03
O6 BMA V . 24.70 11.39 -33.81
C1 NAG W . 9.35 13.41 25.04
C2 NAG W . 10.30 14.56 25.31
C3 NAG W . 9.79 15.84 24.67
C4 NAG W . 9.50 15.61 23.18
C5 NAG W . 8.59 14.41 22.99
C6 NAG W . 8.37 14.05 21.54
C7 NAG W . 11.64 15.19 27.27
C8 NAG W . 11.68 15.33 28.76
N2 NAG W . 10.50 14.76 26.74
O3 NAG W . 10.75 16.88 24.82
O4 NAG W . 8.89 16.76 22.62
O5 NAG W . 9.17 13.26 23.64
O6 NAG W . 7.43 12.99 21.41
O7 NAG W . 12.63 15.46 26.57
C1 NAG X . 1.73 28.82 8.28
C2 NAG X . 1.29 29.59 9.52
C3 NAG X . 2.01 29.05 10.76
C4 NAG X . 1.82 27.54 10.87
C5 NAG X . 2.23 26.86 9.57
C6 NAG X . 1.95 25.37 9.57
C7 NAG X . 0.76 31.95 9.91
C8 NAG X . 1.16 33.36 9.65
N2 NAG X . 1.54 31.01 9.37
O3 NAG X . 1.50 29.69 11.92
O4 NAG X . 2.60 27.03 11.94
O5 NAG X . 1.49 27.42 8.47
O6 NAG X . 2.55 24.73 8.46
O7 NAG X . -0.22 31.67 10.60
#